data_5YF2
#
_entry.id   5YF2
#
_cell.length_a   127.690
_cell.length_b   127.690
_cell.length_c   320.633
_cell.angle_alpha   90.000
_cell.angle_beta   90.000
_cell.angle_gamma   120.000
#
_symmetry.space_group_name_H-M   'P 61 2 2'
#
loop_
_entity.id
_entity.type
_entity.pdbx_description
1 polymer 'Carnosine N-methyltransferase'
2 non-polymer S-ADENOSYL-L-HOMOCYSTEINE
3 non-polymer '(2~{S})-2-(3-azanylpropanoylamino)-3-(3-methylimidazol-4-yl)propanoic acid'
4 non-polymer 'CALCIUM ION'
5 non-polymer 'HEXAETHYLENE GLYCOL'
6 water water
#
_entity_poly.entity_id   1
_entity_poly.type   'polypeptide(L)'
_entity_poly.pdbx_seq_one_letter_code
;GPLGSSTEEEEERLEREHFWKIINAFRYYGTSMHERVNRTERQFRSLPANQQKLLPQFLLHLDKIRKCIDHNQEILLTIV
NDCIHMFENKEYGEDGNGKIMPASTFDMDKLKSTLKQFVRDWSETGKAERDACYQPIIKEILKNFPKERWDPSKVNILVP
GAGLGRLAWEIAMLGYACQGNEWSFFMLFSSNFVLNRCSEINKYKLYPWIHQFSNNRRSADQIRPIFFPDVDPHSLPPGS
NFSMTAGDFQEIYSECNTWDCIATCFFIDTAHNVIDYIDTIWKILKPGGIWINLGPLLYHFENLANELSIELSYEDIKNV
VLQYGFKVEVEKESVLSTYTVNDLSMMKYYYECVLFVVRKPQ
;
_entity_poly.pdbx_strand_id   A,B
#
loop_
_chem_comp.id
_chem_comp.type
_chem_comp.name
_chem_comp.formula
8V3 non-polymer '(2~{S})-2-(3-azanylpropanoylamino)-3-(3-methylimidazol-4-yl)propanoic acid' 'C10 H16 N4 O3'
CA non-polymer 'CALCIUM ION' 'Ca 2'
P6G non-polymer 'HEXAETHYLENE GLYCOL' 'C12 H26 O7'
#
# COMPACT_ATOMS: atom_id res chain seq x y z
N GLU A 11 -18.92 31.26 9.58
CA GLU A 11 -19.02 29.91 10.12
C GLU A 11 -20.16 29.15 9.45
N GLU A 12 -21.37 29.68 9.59
CA GLU A 12 -22.55 29.00 9.06
C GLU A 12 -22.48 28.83 7.54
N ARG A 13 -21.95 29.84 6.84
CA ARG A 13 -21.92 29.78 5.38
C ARG A 13 -20.91 28.76 4.88
N LEU A 14 -19.75 28.66 5.56
CA LEU A 14 -18.71 27.76 5.11
C LEU A 14 -19.01 26.31 5.45
N GLU A 15 -19.74 26.07 6.53
CA GLU A 15 -20.23 24.72 6.80
C GLU A 15 -21.37 24.36 5.84
N ARG A 16 -22.19 25.35 5.46
CA ARG A 16 -23.19 25.14 4.43
C ARG A 16 -22.54 24.63 3.15
N GLU A 17 -21.41 25.23 2.75
CA GLU A 17 -20.71 24.77 1.55
C GLU A 17 -20.18 23.36 1.71
N HIS A 18 -19.64 23.03 2.89
CA HIS A 18 -19.12 21.69 3.14
C HIS A 18 -20.23 20.65 3.10
N PHE A 19 -21.41 20.99 3.62
CA PHE A 19 -22.52 20.05 3.67
C PHE A 19 -22.92 19.59 2.26
N TRP A 20 -23.23 20.55 1.39
CA TRP A 20 -23.72 20.20 0.05
C TRP A 20 -22.63 19.64 -0.84
N LYS A 21 -21.37 19.93 -0.56
CA LYS A 21 -20.28 19.32 -1.32
C LYS A 21 -20.24 17.81 -1.11
N ILE A 22 -20.51 17.38 0.13
CA ILE A 22 -20.50 15.96 0.47
C ILE A 22 -21.78 15.28 0.02
N ILE A 23 -22.94 15.93 0.20
CA ILE A 23 -24.17 15.40 -0.37
C ILE A 23 -23.99 15.19 -1.87
N ASN A 24 -23.33 16.12 -2.55
CA ASN A 24 -23.11 15.97 -3.98
C ASN A 24 -22.17 14.80 -4.27
N ALA A 25 -21.16 14.59 -3.42
CA ALA A 25 -20.29 13.43 -3.61
C ALA A 25 -21.07 12.13 -3.48
N PHE A 26 -21.95 12.05 -2.48
CA PHE A 26 -22.79 10.86 -2.31
C PHE A 26 -23.60 10.59 -3.56
N ARG A 27 -24.13 11.64 -4.20
CA ARG A 27 -24.98 11.53 -5.38
C ARG A 27 -24.21 11.21 -6.67
N TYR A 28 -22.92 11.51 -6.71
CA TYR A 28 -22.11 11.32 -7.91
C TYR A 28 -21.42 9.96 -7.94
N TYR A 29 -21.68 9.10 -6.94
CA TYR A 29 -20.97 7.83 -6.83
C TYR A 29 -21.22 6.92 -8.03
N GLY A 30 -22.50 6.76 -8.40
CA GLY A 30 -22.82 5.92 -9.54
C GLY A 30 -22.21 6.43 -10.83
N THR A 31 -22.25 7.75 -11.03
CA THR A 31 -21.62 8.34 -12.21
C THR A 31 -20.13 8.02 -12.25
N SER A 32 -19.43 8.29 -11.15
CA SER A 32 -17.98 8.11 -11.12
C SER A 32 -17.61 6.67 -11.41
N MET A 33 -18.32 5.72 -10.79
CA MET A 33 -18.01 4.31 -10.98
C MET A 33 -18.34 3.84 -12.38
N HIS A 34 -19.50 4.25 -12.92
CA HIS A 34 -19.87 3.82 -14.26
C HIS A 34 -18.84 4.31 -15.28
N GLU A 35 -18.30 5.52 -15.09
CA GLU A 35 -17.26 5.97 -16.01
C GLU A 35 -16.04 5.07 -15.96
N ARG A 36 -15.64 4.65 -14.75
CA ARG A 36 -14.53 3.72 -14.60
C ARG A 36 -14.80 2.43 -15.36
N VAL A 37 -16.01 1.88 -15.22
CA VAL A 37 -16.34 0.66 -15.95
C VAL A 37 -16.34 0.91 -17.45
N ASN A 38 -16.82 2.08 -17.87
CA ASN A 38 -16.81 2.46 -19.27
C ASN A 38 -15.43 2.31 -19.88
N ARG A 39 -14.40 2.80 -19.17
CA ARG A 39 -13.04 2.71 -19.69
C ARG A 39 -12.65 1.26 -19.94
N THR A 40 -12.91 0.39 -18.95
CA THR A 40 -12.70 -1.05 -19.13
C THR A 40 -13.40 -1.56 -20.39
N GLU A 41 -14.71 -1.32 -20.50
CA GLU A 41 -15.46 -1.87 -21.61
C GLU A 41 -14.95 -1.38 -22.96
N ARG A 42 -14.65 -0.07 -23.06
CA ARG A 42 -14.10 0.45 -24.31
C ARG A 42 -12.82 -0.29 -24.67
N GLN A 43 -11.97 -0.51 -23.66
CA GLN A 43 -10.67 -1.14 -23.89
C GLN A 43 -10.82 -2.61 -24.26
N PHE A 44 -11.68 -3.33 -23.54
CA PHE A 44 -11.97 -4.71 -23.93
C PHE A 44 -12.53 -4.78 -25.35
N ARG A 45 -13.50 -3.92 -25.68
CA ARG A 45 -14.07 -3.98 -27.01
C ARG A 45 -13.06 -3.55 -28.07
N SER A 46 -12.03 -2.80 -27.68
CA SER A 46 -10.97 -2.42 -28.60
C SER A 46 -10.04 -3.58 -28.95
N LEU A 47 -10.07 -4.66 -28.16
CA LEU A 47 -9.18 -5.78 -28.38
C LEU A 47 -9.56 -6.51 -29.66
N PRO A 48 -8.65 -7.29 -30.23
CA PRO A 48 -9.02 -8.11 -31.39
C PRO A 48 -10.05 -9.16 -31.01
N ALA A 49 -10.90 -9.50 -31.97
CA ALA A 49 -11.99 -10.44 -31.72
C ALA A 49 -11.48 -11.77 -31.19
N ASN A 50 -10.33 -12.24 -31.67
CA ASN A 50 -9.80 -13.51 -31.21
C ASN A 50 -9.47 -13.45 -29.71
N GLN A 51 -8.90 -12.34 -29.25
CA GLN A 51 -8.63 -12.19 -27.83
C GLN A 51 -9.94 -12.12 -27.05
N GLN A 52 -10.92 -11.36 -27.54
CA GLN A 52 -12.18 -11.23 -26.82
C GLN A 52 -12.87 -12.58 -26.65
N LYS A 53 -12.83 -13.41 -27.69
CA LYS A 53 -13.48 -14.73 -27.61
C LYS A 53 -12.95 -15.55 -26.44
N LEU A 54 -11.68 -15.35 -26.07
CA LEU A 54 -11.11 -16.10 -24.96
C LEU A 54 -11.78 -15.81 -23.62
N LEU A 55 -12.60 -14.78 -23.52
CA LEU A 55 -13.19 -14.35 -22.25
C LEU A 55 -14.68 -14.04 -22.43
N PRO A 56 -15.47 -15.04 -22.79
CA PRO A 56 -16.88 -14.78 -23.17
C PRO A 56 -17.77 -14.31 -22.04
N GLN A 57 -17.32 -14.22 -20.80
CA GLN A 57 -18.14 -13.70 -19.72
C GLN A 57 -17.66 -12.33 -19.24
N PHE A 58 -16.70 -11.71 -19.94
CA PHE A 58 -16.08 -10.49 -19.44
C PHE A 58 -17.10 -9.35 -19.40
N LEU A 59 -17.81 -9.14 -20.51
CA LEU A 59 -18.82 -8.10 -20.60
C LEU A 59 -20.04 -8.42 -19.76
N LEU A 60 -20.31 -9.71 -19.54
CA LEU A 60 -21.35 -10.10 -18.60
C LEU A 60 -20.94 -9.75 -17.18
N HIS A 61 -19.70 -10.06 -16.82
CA HIS A 61 -19.19 -9.70 -15.51
C HIS A 61 -19.24 -8.20 -15.30
N LEU A 62 -18.94 -7.42 -16.34
CA LEU A 62 -19.01 -5.98 -16.22
C LEU A 62 -20.40 -5.54 -15.81
N ASP A 63 -21.41 -6.13 -16.45
CA ASP A 63 -22.79 -5.78 -16.16
C ASP A 63 -23.15 -6.07 -14.70
N LYS A 64 -22.61 -7.17 -14.15
CA LYS A 64 -22.88 -7.47 -12.74
C LYS A 64 -22.26 -6.44 -11.83
N ILE A 65 -21.03 -5.99 -12.16
CA ILE A 65 -20.44 -4.86 -11.44
C ILE A 65 -21.37 -3.66 -11.46
N ARG A 66 -21.84 -3.28 -12.66
CA ARG A 66 -22.74 -2.13 -12.81
C ARG A 66 -23.96 -2.28 -11.90
N LYS A 67 -24.50 -3.49 -11.77
CA LYS A 67 -25.63 -3.69 -10.87
C LYS A 67 -25.22 -3.46 -9.42
N CYS A 68 -24.07 -3.98 -9.01
CA CYS A 68 -23.55 -3.68 -7.69
C CYS A 68 -23.38 -2.20 -7.48
N ILE A 69 -22.75 -1.52 -8.46
CA ILE A 69 -22.64 -0.07 -8.41
C ILE A 69 -24.00 0.54 -8.10
N ASP A 70 -24.98 0.24 -8.96
CA ASP A 70 -26.32 0.81 -8.81
C ASP A 70 -26.87 0.56 -7.42
N HIS A 71 -26.60 -0.63 -6.86
CA HIS A 71 -27.11 -0.94 -5.54
C HIS A 71 -26.46 -0.06 -4.48
N ASN A 72 -25.14 0.00 -4.47
CA ASN A 72 -24.41 0.89 -3.58
C ASN A 72 -24.95 2.30 -3.66
N GLN A 73 -25.23 2.78 -4.87
CA GLN A 73 -25.76 4.14 -5.03
C GLN A 73 -27.12 4.28 -4.37
N GLU A 74 -27.91 3.20 -4.39
CA GLU A 74 -29.20 3.24 -3.70
C GLU A 74 -29.01 3.34 -2.19
N ILE A 75 -28.11 2.52 -1.63
CA ILE A 75 -27.82 2.60 -0.20
C ILE A 75 -27.30 3.98 0.18
N LEU A 76 -26.50 4.60 -0.70
CA LEU A 76 -26.00 5.95 -0.42
C LEU A 76 -27.14 6.97 -0.44
N LEU A 77 -28.05 6.86 -1.40
CA LEU A 77 -29.15 7.81 -1.42
C LEU A 77 -30.05 7.65 -0.20
N THR A 78 -30.20 6.42 0.29
CA THR A 78 -30.96 6.19 1.51
C THR A 78 -30.32 6.87 2.71
N ILE A 79 -28.99 6.84 2.80
CA ILE A 79 -28.29 7.54 3.87
C ILE A 79 -28.49 9.05 3.77
N VAL A 80 -28.70 9.57 2.56
CA VAL A 80 -28.78 11.00 2.36
C VAL A 80 -30.20 11.55 2.53
N ASN A 81 -31.23 10.77 2.17
CA ASN A 81 -32.59 11.19 2.48
C ASN A 81 -32.92 10.99 3.94
N ASP A 82 -32.49 9.86 4.52
CA ASP A 82 -32.58 9.66 5.96
C ASP A 82 -31.92 10.80 6.72
N CYS A 83 -31.00 11.53 6.08
CA CYS A 83 -30.33 12.67 6.72
C CYS A 83 -31.13 13.95 6.48
N ILE A 84 -31.23 14.37 5.22
CA ILE A 84 -32.10 15.46 4.79
C ILE A 84 -33.55 15.26 5.27
N ILE A 100 -26.54 17.64 -9.98
CA ILE A 100 -25.48 16.68 -9.70
C ILE A 100 -24.20 17.07 -10.45
N MET A 101 -23.19 17.49 -9.69
CA MET A 101 -21.93 17.99 -10.20
C MET A 101 -20.83 16.97 -9.99
N PRO A 102 -19.72 17.07 -10.74
CA PRO A 102 -18.59 16.13 -10.55
C PRO A 102 -17.79 16.45 -9.30
N ALA A 103 -17.75 15.49 -8.38
CA ALA A 103 -16.96 15.63 -7.16
C ALA A 103 -15.51 15.25 -7.43
N SER A 104 -14.63 15.59 -6.49
CA SER A 104 -13.21 15.32 -6.68
C SER A 104 -12.91 13.86 -6.43
N THR A 105 -11.82 13.38 -7.05
CA THR A 105 -11.39 12.01 -6.76
C THR A 105 -11.11 11.85 -5.27
N PHE A 106 -10.67 12.93 -4.63
CA PHE A 106 -10.47 12.96 -3.18
C PHE A 106 -11.76 12.58 -2.44
N ASP A 107 -12.88 13.22 -2.80
CA ASP A 107 -14.16 12.87 -2.21
C ASP A 107 -14.53 11.42 -2.52
N MET A 108 -14.37 11.02 -3.77
CA MET A 108 -14.79 9.68 -4.17
C MET A 108 -13.95 8.61 -3.49
N ASP A 109 -12.67 8.88 -3.27
CA ASP A 109 -11.87 7.96 -2.47
C ASP A 109 -12.41 7.87 -1.06
N LYS A 110 -12.67 9.03 -0.44
CA LYS A 110 -13.29 9.02 0.88
C LYS A 110 -14.60 8.23 0.86
N LEU A 111 -15.40 8.38 -0.20
CA LEU A 111 -16.64 7.64 -0.30
C LEU A 111 -16.38 6.13 -0.33
N LYS A 112 -15.48 5.69 -1.22
CA LYS A 112 -15.11 4.29 -1.24
C LYS A 112 -14.59 3.84 0.12
N SER A 113 -13.78 4.68 0.75
CA SER A 113 -13.31 4.36 2.09
C SER A 113 -14.48 4.17 3.06
N THR A 114 -15.50 5.04 2.97
CA THR A 114 -16.64 4.96 3.88
C THR A 114 -17.35 3.61 3.76
N LEU A 115 -17.70 3.22 2.54
CA LEU A 115 -18.35 1.92 2.33
C LEU A 115 -17.52 0.77 2.91
N LYS A 116 -16.20 0.88 2.87
CA LYS A 116 -15.39 -0.16 3.50
C LYS A 116 -15.52 -0.12 5.02
N GLN A 117 -15.71 1.06 5.61
CA GLN A 117 -15.84 1.17 7.06
C GLN A 117 -17.04 0.35 7.58
N PHE A 118 -18.12 0.30 6.79
CA PHE A 118 -19.29 -0.48 7.18
C PHE A 118 -18.89 -1.92 7.49
N VAL A 119 -17.99 -2.48 6.69
CA VAL A 119 -17.48 -3.82 6.94
C VAL A 119 -16.80 -3.88 8.29
N ARG A 120 -15.90 -2.92 8.54
CA ARG A 120 -15.11 -2.92 9.77
C ARG A 120 -16.01 -2.77 11.00
N ASP A 121 -16.90 -1.79 10.98
CA ASP A 121 -17.59 -1.45 12.21
C ASP A 121 -18.90 -2.20 12.40
N TRP A 122 -19.52 -2.73 11.35
CA TRP A 122 -20.87 -3.24 11.54
C TRP A 122 -21.16 -4.47 10.69
N SER A 123 -20.16 -5.32 10.49
CA SER A 123 -20.33 -6.57 9.74
C SER A 123 -19.63 -7.71 10.48
N GLU A 124 -20.23 -8.91 10.40
CA GLU A 124 -19.54 -10.10 10.91
C GLU A 124 -18.18 -10.27 10.28
N THR A 125 -18.01 -9.77 9.06
CA THR A 125 -16.72 -9.86 8.37
C THR A 125 -15.66 -9.06 9.10
N GLY A 126 -16.05 -7.95 9.72
CA GLY A 126 -15.10 -7.08 10.39
C GLY A 126 -14.76 -7.50 11.81
N LYS A 127 -15.24 -8.65 12.29
CA LYS A 127 -15.00 -9.02 13.68
C LYS A 127 -13.53 -9.23 13.97
N ALA A 128 -12.79 -9.88 13.05
CA ALA A 128 -11.38 -10.11 13.28
C ALA A 128 -10.63 -8.79 13.50
N GLU A 129 -10.88 -7.78 12.65
CA GLU A 129 -10.26 -6.47 12.85
C GLU A 129 -10.69 -5.84 14.16
N ARG A 130 -11.99 -5.86 14.45
CA ARG A 130 -12.49 -5.26 15.67
C ARG A 130 -11.85 -5.88 16.91
N ASP A 131 -11.73 -7.21 16.94
CA ASP A 131 -11.06 -7.86 18.07
C ASP A 131 -9.62 -7.41 18.20
N ALA A 132 -8.97 -7.10 17.08
CA ALA A 132 -7.58 -6.69 17.09
C ALA A 132 -7.41 -5.23 17.53
N CYS A 133 -8.37 -4.37 17.17
CA CYS A 133 -8.25 -2.93 17.40
C CYS A 133 -9.06 -2.42 18.59
N TYR A 134 -10.26 -2.95 18.81
CA TYR A 134 -11.16 -2.42 19.83
C TYR A 134 -11.05 -3.18 21.15
N GLN A 135 -10.92 -4.50 21.09
CA GLN A 135 -10.86 -5.27 22.33
C GLN A 135 -9.70 -4.86 23.24
N PRO A 136 -8.49 -4.59 22.76
CA PRO A 136 -7.45 -4.17 23.71
C PRO A 136 -7.78 -2.84 24.36
N ILE A 137 -8.46 -1.94 23.66
CA ILE A 137 -8.88 -0.67 24.25
C ILE A 137 -9.96 -0.94 25.32
N ILE A 138 -10.95 -1.75 24.98
CA ILE A 138 -12.05 -2.01 25.91
C ILE A 138 -11.53 -2.74 27.15
N LYS A 139 -10.59 -3.67 26.99
CA LYS A 139 -10.03 -4.34 28.16
C LYS A 139 -9.30 -3.36 29.07
N GLU A 140 -8.61 -2.38 28.47
CA GLU A 140 -7.94 -1.38 29.27
C GLU A 140 -8.93 -0.47 29.98
N ILE A 141 -10.07 -0.19 29.35
CA ILE A 141 -11.10 0.58 30.03
C ILE A 141 -11.64 -0.18 31.23
N LEU A 142 -11.92 -1.47 31.06
CA LEU A 142 -12.42 -2.26 32.18
C LEU A 142 -11.39 -2.35 33.30
N LYS A 143 -10.12 -2.45 32.93
CA LYS A 143 -9.03 -2.48 33.90
C LYS A 143 -9.01 -1.20 34.77
N ASN A 144 -9.16 -0.04 34.14
CA ASN A 144 -8.98 1.21 34.85
C ASN A 144 -10.25 1.78 35.44
N PHE A 145 -11.42 1.25 35.10
CA PHE A 145 -12.68 1.68 35.70
C PHE A 145 -13.53 0.47 36.10
N PRO A 146 -13.05 -0.36 37.03
CA PRO A 146 -13.85 -1.48 37.52
C PRO A 146 -14.96 -1.03 38.48
N LYS A 147 -15.98 -1.89 38.61
CA LYS A 147 -17.12 -1.55 39.45
C LYS A 147 -16.73 -1.44 40.92
N GLU A 148 -15.68 -2.14 41.34
CA GLU A 148 -15.15 -2.08 42.70
C GLU A 148 -14.57 -0.72 43.04
N ARG A 149 -14.54 0.18 42.08
CA ARG A 149 -14.01 1.52 42.26
C ARG A 149 -14.90 2.61 41.69
N TRP A 150 -15.73 2.31 40.68
CA TRP A 150 -16.48 3.32 39.95
C TRP A 150 -17.91 2.90 39.74
N ASP A 151 -18.82 3.88 39.78
CA ASP A 151 -20.14 3.73 39.18
C ASP A 151 -19.96 3.91 37.68
N PRO A 152 -20.12 2.86 36.88
CA PRO A 152 -19.79 2.98 35.44
C PRO A 152 -20.53 4.11 34.75
N SER A 153 -21.75 4.44 35.20
CA SER A 153 -22.54 5.47 34.53
C SER A 153 -22.09 6.89 34.88
N LYS A 154 -21.19 7.06 35.85
CA LYS A 154 -20.58 8.37 36.12
C LYS A 154 -19.19 8.48 35.51
N VAL A 155 -18.77 7.52 34.71
CA VAL A 155 -17.47 7.56 34.03
C VAL A 155 -17.71 8.11 32.63
N ASN A 156 -17.16 9.30 32.36
CA ASN A 156 -17.34 9.95 31.06
C ASN A 156 -16.16 9.64 30.14
N ILE A 157 -16.46 9.03 28.99
CA ILE A 157 -15.45 8.58 28.07
C ILE A 157 -15.72 9.22 26.70
N LEU A 158 -14.66 9.70 26.06
CA LEU A 158 -14.74 10.47 24.82
C LEU A 158 -13.97 9.74 23.72
N VAL A 159 -14.65 9.48 22.61
CA VAL A 159 -14.00 8.81 21.47
C VAL A 159 -13.86 9.80 20.31
N PRO A 160 -12.74 10.50 20.18
CA PRO A 160 -12.57 11.38 19.03
C PRO A 160 -12.33 10.54 17.78
N GLY A 161 -12.77 11.07 16.64
CA GLY A 161 -12.76 10.33 15.41
C GLY A 161 -13.54 9.03 15.51
N ALA A 162 -14.78 9.11 15.99
CA ALA A 162 -15.54 7.89 16.26
C ALA A 162 -15.89 7.10 15.01
N GLY A 163 -15.79 7.71 13.83
CA GLY A 163 -16.07 6.97 12.60
C GLY A 163 -17.53 6.57 12.52
N LEU A 164 -17.78 5.27 12.29
CA LEU A 164 -19.14 4.76 12.35
C LEU A 164 -19.56 4.39 13.76
N GLY A 165 -18.73 4.70 14.76
CA GLY A 165 -19.15 4.68 16.14
C GLY A 165 -19.17 3.33 16.81
N ARG A 166 -18.80 2.25 16.13
CA ARG A 166 -18.90 0.92 16.73
C ARG A 166 -18.18 0.87 18.07
N LEU A 167 -16.94 1.36 18.12
CA LEU A 167 -16.16 1.29 19.36
C LEU A 167 -16.85 2.05 20.49
N ALA A 168 -17.14 3.33 20.24
CA ALA A 168 -17.91 4.12 21.20
C ALA A 168 -19.15 3.36 21.67
N TRP A 169 -19.89 2.80 20.72
CA TRP A 169 -21.07 1.99 21.03
C TRP A 169 -20.72 0.84 21.97
N GLU A 170 -19.63 0.11 21.68
CA GLU A 170 -19.26 -1.01 22.54
C GLU A 170 -18.94 -0.54 23.96
N ILE A 171 -18.32 0.64 24.08
CA ILE A 171 -18.03 1.19 25.40
C ILE A 171 -19.31 1.58 26.10
N ALA A 172 -20.22 2.24 25.38
CA ALA A 172 -21.50 2.60 25.96
C ALA A 172 -22.30 1.37 26.32
N MET A 173 -22.09 0.26 25.60
CA MET A 173 -22.79 -0.99 25.90
C MET A 173 -22.37 -1.57 27.24
N LEU A 174 -21.17 -1.22 27.72
CA LEU A 174 -20.68 -1.69 29.00
C LEU A 174 -21.25 -0.91 30.19
N GLY A 175 -22.02 0.14 29.95
CA GLY A 175 -22.60 0.94 31.01
C GLY A 175 -21.87 2.23 31.30
N TYR A 176 -20.83 2.54 30.55
CA TYR A 176 -20.12 3.80 30.71
C TYR A 176 -20.84 4.91 29.96
N ALA A 177 -20.56 6.14 30.38
CA ALA A 177 -21.08 7.35 29.75
C ALA A 177 -20.13 7.69 28.61
N CYS A 178 -20.48 7.29 27.40
CA CYS A 178 -19.57 7.37 26.28
C CYS A 178 -20.11 8.31 25.22
N GLN A 179 -19.23 9.17 24.71
CA GLN A 179 -19.59 10.13 23.68
C GLN A 179 -18.64 9.99 22.50
N GLY A 180 -19.18 9.58 21.36
CA GLY A 180 -18.40 9.58 20.14
C GLY A 180 -18.37 10.97 19.53
N ASN A 181 -17.25 11.30 18.89
CA ASN A 181 -17.15 12.55 18.17
C ASN A 181 -16.48 12.34 16.83
N GLU A 182 -17.00 13.03 15.81
CA GLU A 182 -16.55 12.85 14.45
C GLU A 182 -16.66 14.18 13.69
N TRP A 183 -15.64 14.48 12.90
CA TRP A 183 -15.60 15.68 12.08
C TRP A 183 -16.17 15.45 10.68
N SER A 184 -15.80 14.35 10.03
CA SER A 184 -16.15 14.14 8.63
C SER A 184 -17.65 13.95 8.44
N PHE A 185 -18.19 14.62 7.42
CA PHE A 185 -19.60 14.42 7.09
C PHE A 185 -19.84 13.04 6.48
N PHE A 186 -18.83 12.46 5.81
CA PHE A 186 -18.98 11.08 5.34
C PHE A 186 -19.35 10.16 6.49
N MET A 187 -18.62 10.25 7.61
CA MET A 187 -18.90 9.38 8.74
C MET A 187 -20.23 9.71 9.38
N LEU A 188 -20.47 11.00 9.67
CA LEU A 188 -21.67 11.41 10.40
C LEU A 188 -22.95 10.92 9.71
N PHE A 189 -23.09 11.15 8.40
CA PHE A 189 -24.24 10.60 7.70
C PHE A 189 -24.35 9.10 7.96
N SER A 190 -23.24 8.39 7.77
CA SER A 190 -23.27 6.93 7.88
C SER A 190 -23.55 6.50 9.31
N SER A 191 -22.81 7.04 10.29
CA SER A 191 -23.02 6.64 11.68
C SER A 191 -24.44 6.95 12.13
N ASN A 192 -24.99 8.10 11.73
CA ASN A 192 -26.38 8.39 12.03
C ASN A 192 -27.31 7.32 11.44
N PHE A 193 -27.18 7.07 10.13
CA PHE A 193 -28.05 6.09 9.48
C PHE A 193 -27.97 4.72 10.14
N VAL A 194 -26.78 4.29 10.55
CA VAL A 194 -26.65 2.95 11.13
C VAL A 194 -27.16 2.91 12.57
N LEU A 195 -26.99 4.00 13.33
CA LEU A 195 -27.31 3.96 14.75
C LEU A 195 -28.76 4.29 15.06
N ASN A 196 -29.43 5.06 14.21
CA ASN A 196 -30.79 5.50 14.46
C ASN A 196 -31.81 4.80 13.58
N ARG A 197 -31.62 4.83 12.26
CA ARG A 197 -32.57 4.25 11.32
C ARG A 197 -32.42 2.74 11.14
N CYS A 198 -31.48 2.10 11.80
CA CYS A 198 -31.29 0.66 11.64
C CYS A 198 -31.74 -0.09 12.87
N SER A 199 -32.42 -1.22 12.65
CA SER A 199 -32.91 -2.07 13.72
C SER A 199 -32.62 -3.53 13.37
N GLU A 200 -33.21 -4.01 12.28
CA GLU A 200 -33.14 -5.42 11.93
C GLU A 200 -31.73 -5.80 11.50
N ILE A 201 -31.22 -6.90 12.07
CA ILE A 201 -29.87 -7.35 11.78
C ILE A 201 -29.76 -7.74 10.31
N ASN A 202 -28.61 -7.41 9.70
CA ASN A 202 -28.22 -7.83 8.34
C ASN A 202 -29.29 -7.55 7.30
N LYS A 203 -30.19 -6.61 7.59
CA LYS A 203 -31.18 -6.17 6.61
C LYS A 203 -30.52 -5.60 5.35
N TYR A 204 -29.37 -4.96 5.50
CA TYR A 204 -28.76 -4.18 4.44
C TYR A 204 -27.47 -4.83 3.93
N LYS A 205 -27.17 -4.62 2.63
CA LYS A 205 -25.95 -5.15 2.04
C LYS A 205 -25.27 -4.09 1.15
N LEU A 206 -23.94 -4.17 1.10
CA LEU A 206 -23.11 -3.35 0.23
C LEU A 206 -22.19 -4.24 -0.59
N TYR A 207 -21.71 -3.68 -1.70
CA TYR A 207 -20.64 -4.29 -2.47
C TYR A 207 -19.39 -3.44 -2.27
N PRO A 208 -18.64 -3.69 -1.20
CA PRO A 208 -17.52 -2.78 -0.86
C PRO A 208 -16.27 -2.98 -1.69
N TRP A 209 -16.13 -4.10 -2.40
CA TRP A 209 -14.89 -4.35 -3.13
C TRP A 209 -15.01 -4.12 -4.63
N ILE A 210 -16.14 -3.63 -5.15
CA ILE A 210 -16.30 -3.63 -6.59
C ILE A 210 -15.36 -2.66 -7.28
N HIS A 211 -14.76 -1.73 -6.56
CA HIS A 211 -13.82 -0.80 -7.19
C HIS A 211 -12.42 -1.41 -7.40
N GLN A 212 -12.14 -2.54 -6.76
CA GLN A 212 -10.86 -3.23 -6.89
C GLN A 212 -10.91 -4.18 -8.10
N PHE A 213 -10.19 -3.82 -9.15
CA PHE A 213 -10.05 -4.66 -10.32
C PHE A 213 -8.75 -5.46 -10.35
N SER A 214 -7.74 -5.04 -9.61
CA SER A 214 -6.50 -5.78 -9.52
C SER A 214 -6.58 -6.82 -8.41
N ASN A 215 -5.69 -7.81 -8.51
CA ASN A 215 -5.39 -8.70 -7.39
C ASN A 215 -6.60 -9.51 -6.95
N ASN A 216 -7.47 -9.89 -7.88
CA ASN A 216 -8.58 -10.78 -7.60
C ASN A 216 -8.21 -12.22 -7.99
N ARG A 217 -8.45 -13.16 -7.07
CA ARG A 217 -8.31 -14.58 -7.39
C ARG A 217 -9.36 -15.03 -8.36
N ARG A 218 -10.64 -14.87 -7.99
CA ARG A 218 -11.76 -15.20 -8.85
C ARG A 218 -12.55 -13.94 -9.13
N SER A 219 -13.11 -13.86 -10.34
CA SER A 219 -13.88 -12.69 -10.70
C SER A 219 -14.97 -12.42 -9.68
N ALA A 220 -15.53 -13.47 -9.09
CA ALA A 220 -16.67 -13.33 -8.19
C ALA A 220 -16.32 -12.66 -6.87
N ASP A 221 -15.04 -12.53 -6.52
CA ASP A 221 -14.74 -11.86 -5.26
C ASP A 221 -15.03 -10.37 -5.34
N GLN A 222 -14.94 -9.80 -6.54
CA GLN A 222 -15.14 -8.37 -6.70
C GLN A 222 -16.58 -7.97 -6.40
N ILE A 223 -17.54 -8.77 -6.85
CA ILE A 223 -18.95 -8.45 -6.71
C ILE A 223 -19.51 -9.11 -5.46
N ARG A 224 -18.62 -9.51 -4.55
CA ARG A 224 -19.01 -10.20 -3.33
C ARG A 224 -19.71 -9.24 -2.36
N PRO A 225 -20.80 -9.66 -1.72
CA PRO A 225 -21.54 -8.76 -0.83
C PRO A 225 -21.20 -8.91 0.65
N ILE A 226 -21.34 -7.83 1.40
CA ILE A 226 -21.30 -7.87 2.86
C ILE A 226 -22.62 -7.37 3.39
N PHE A 227 -22.98 -7.81 4.60
CA PHE A 227 -24.24 -7.43 5.23
C PHE A 227 -23.98 -6.72 6.54
N PHE A 228 -24.90 -5.80 6.87
CA PHE A 228 -24.82 -5.02 8.10
C PHE A 228 -26.22 -4.63 8.56
N PRO A 229 -26.41 -4.39 9.85
CA PRO A 229 -25.44 -4.56 10.95
C PRO A 229 -25.42 -5.96 11.54
N ASP A 230 -24.25 -6.40 12.00
CA ASP A 230 -24.14 -7.75 12.57
C ASP A 230 -24.83 -7.84 13.92
N VAL A 231 -24.96 -6.71 14.61
CA VAL A 231 -25.55 -6.66 15.94
C VAL A 231 -26.57 -5.53 15.93
N ASP A 232 -27.59 -5.64 16.79
CA ASP A 232 -28.65 -4.65 16.81
C ASP A 232 -28.20 -3.43 17.61
N PRO A 233 -28.07 -2.24 16.99
CA PRO A 233 -27.59 -1.08 17.76
C PRO A 233 -28.56 -0.68 18.85
N HIS A 234 -29.86 -0.85 18.65
CA HIS A 234 -30.83 -0.43 19.66
C HIS A 234 -31.00 -1.49 20.73
N SER A 235 -29.90 -2.15 21.11
CA SER A 235 -29.87 -3.07 22.23
C SER A 235 -29.11 -2.48 23.42
N LEU A 236 -28.98 -1.16 23.47
CA LEU A 236 -28.39 -0.54 24.63
C LEU A 236 -29.20 -0.90 25.88
N PRO A 237 -28.55 -1.28 26.98
CA PRO A 237 -29.28 -1.52 28.23
C PRO A 237 -29.92 -0.24 28.75
N PRO A 238 -30.80 -0.33 29.75
CA PRO A 238 -31.42 0.88 30.28
C PRO A 238 -30.47 1.64 31.19
N GLY A 239 -30.64 2.97 31.19
CA GLY A 239 -29.72 3.86 31.87
C GLY A 239 -28.44 4.13 31.13
N SER A 240 -28.25 3.54 29.96
CA SER A 240 -27.02 3.72 29.21
C SER A 240 -26.95 5.11 28.61
N ASN A 241 -25.72 5.62 28.49
CA ASN A 241 -25.48 7.02 28.16
C ASN A 241 -24.55 7.10 26.95
N PHE A 242 -25.14 7.03 25.75
CA PHE A 242 -24.41 7.01 24.48
C PHE A 242 -24.81 8.23 23.66
N SER A 243 -23.83 8.92 23.09
CA SER A 243 -24.12 10.06 22.24
C SER A 243 -22.99 10.24 21.22
N MET A 244 -23.31 10.97 20.15
CA MET A 244 -22.38 11.23 19.06
C MET A 244 -22.47 12.71 18.67
N THR A 245 -21.34 13.37 18.51
CA THR A 245 -21.31 14.77 18.15
C THR A 245 -20.47 15.00 16.89
N ALA A 246 -20.76 16.13 16.24
CA ALA A 246 -20.22 16.50 14.94
C ALA A 246 -19.35 17.74 15.08
N GLY A 247 -18.12 17.67 14.57
CA GLY A 247 -17.22 18.81 14.63
C GLY A 247 -15.80 18.51 15.06
N ASP A 248 -14.95 19.53 14.98
CA ASP A 248 -13.56 19.41 15.39
C ASP A 248 -13.50 19.20 16.88
N PHE A 249 -12.91 18.08 17.29
CA PHE A 249 -12.86 17.76 18.71
C PHE A 249 -11.98 18.74 19.48
N GLN A 250 -11.07 19.44 18.79
CA GLN A 250 -10.31 20.49 19.47
C GLN A 250 -11.20 21.68 19.78
N GLU A 251 -12.12 22.02 18.86
CA GLU A 251 -12.96 23.21 19.05
C GLU A 251 -14.18 22.93 19.94
N ILE A 252 -14.78 21.75 19.83
CA ILE A 252 -15.96 21.44 20.63
C ILE A 252 -15.59 21.22 22.10
N TYR A 253 -14.46 20.58 22.36
CA TYR A 253 -14.07 20.22 23.72
C TYR A 253 -12.99 21.17 24.20
N SER A 254 -13.39 22.12 25.03
CA SER A 254 -12.52 23.15 25.53
C SER A 254 -12.61 23.30 27.03
N GLU A 255 -13.52 22.58 27.69
CA GLU A 255 -13.59 22.54 29.15
C GLU A 255 -12.43 21.72 29.68
N CYS A 256 -11.51 22.35 30.39
CA CYS A 256 -10.44 21.59 31.02
C CYS A 256 -11.00 20.69 32.12
N ASN A 257 -10.24 19.65 32.47
CA ASN A 257 -10.53 18.77 33.60
C ASN A 257 -11.98 18.26 33.58
N THR A 258 -12.30 17.51 32.56
CA THR A 258 -13.68 17.07 32.32
C THR A 258 -13.83 15.56 32.16
N TRP A 259 -12.94 14.91 31.41
CA TRP A 259 -13.15 13.54 30.96
C TRP A 259 -12.34 12.58 31.82
N ASP A 260 -12.96 11.45 32.20
CA ASP A 260 -12.25 10.41 32.92
C ASP A 260 -11.30 9.65 32.01
N CYS A 261 -11.67 9.50 30.75
CA CYS A 261 -10.87 8.71 29.82
C CYS A 261 -11.17 9.23 28.43
N ILE A 262 -10.13 9.27 27.59
CA ILE A 262 -10.26 9.56 26.17
C ILE A 262 -9.63 8.39 25.43
N ALA A 263 -10.39 7.84 24.46
CA ALA A 263 -9.99 6.63 23.73
C ALA A 263 -9.82 6.95 22.24
N THR A 264 -8.58 6.97 21.77
CA THR A 264 -8.27 7.26 20.38
C THR A 264 -7.77 6.01 19.67
N CYS A 265 -8.46 5.63 18.60
CA CYS A 265 -8.16 4.43 17.84
C CYS A 265 -7.92 4.82 16.38
N PHE A 266 -6.72 4.54 15.86
CA PHE A 266 -6.34 4.98 14.52
C PHE A 266 -6.70 6.45 14.31
N PHE A 267 -6.44 7.27 15.30
CA PHE A 267 -6.96 8.61 15.19
C PHE A 267 -5.90 9.70 15.21
N ILE A 268 -4.86 9.59 16.04
CA ILE A 268 -4.05 10.77 16.28
C ILE A 268 -3.20 11.11 15.06
N ASP A 269 -2.98 10.16 14.17
CA ASP A 269 -2.20 10.48 12.98
C ASP A 269 -3.02 11.22 11.93
N THR A 270 -4.23 11.65 12.29
CA THR A 270 -5.02 12.57 11.47
C THR A 270 -4.68 14.04 11.72
N ALA A 271 -3.87 14.34 12.74
CA ALA A 271 -3.62 15.73 13.07
C ALA A 271 -2.71 16.39 12.04
N HIS A 272 -3.02 17.65 11.69
CA HIS A 272 -2.00 18.53 11.12
C HIS A 272 -0.76 18.55 12.01
N ASN A 273 -0.96 18.56 13.32
CA ASN A 273 0.15 18.66 14.29
C ASN A 273 -0.26 17.83 15.52
N VAL A 274 0.28 16.61 15.61
CA VAL A 274 -0.09 15.71 16.70
C VAL A 274 0.18 16.34 18.07
N ILE A 275 1.16 17.25 18.17
CA ILE A 275 1.38 17.93 19.45
C ILE A 275 0.13 18.67 19.90
N ASP A 276 -0.62 19.24 18.95
CA ASP A 276 -1.89 19.87 19.29
C ASP A 276 -2.89 18.86 19.87
N TYR A 277 -3.02 17.67 19.27
CA TYR A 277 -3.95 16.70 19.84
C TYR A 277 -3.55 16.35 21.27
N ILE A 278 -2.26 16.13 21.50
CA ILE A 278 -1.77 15.77 22.83
C ILE A 278 -2.09 16.87 23.82
N ASP A 279 -1.94 18.14 23.42
CA ASP A 279 -2.24 19.23 24.33
C ASP A 279 -3.72 19.24 24.70
N THR A 280 -4.61 19.08 23.72
CA THR A 280 -6.04 19.08 23.99
C THR A 280 -6.42 17.96 24.95
N ILE A 281 -5.83 16.77 24.74
CA ILE A 281 -6.18 15.62 25.57
C ILE A 281 -5.73 15.84 27.01
N TRP A 282 -4.48 16.30 27.19
CA TRP A 282 -3.98 16.57 28.53
C TRP A 282 -4.86 17.58 29.23
N LYS A 283 -5.28 18.61 28.53
CA LYS A 283 -6.01 19.65 29.21
C LYS A 283 -7.45 19.24 29.54
N ILE A 284 -8.09 18.41 28.70
CA ILE A 284 -9.50 18.09 28.96
C ILE A 284 -9.68 16.82 29.79
N LEU A 285 -8.61 16.10 30.12
CA LEU A 285 -8.71 15.03 31.10
C LEU A 285 -8.74 15.59 32.52
N LYS A 286 -9.59 15.01 33.36
CA LYS A 286 -9.57 15.21 34.80
C LYS A 286 -8.18 14.88 35.35
N PRO A 287 -7.75 15.48 36.44
CA PRO A 287 -6.65 14.88 37.20
C PRO A 287 -6.99 13.43 37.51
N GLY A 288 -6.09 12.52 37.14
CA GLY A 288 -6.36 11.09 37.25
C GLY A 288 -6.92 10.44 36.00
N GLY A 289 -7.32 11.23 35.00
CA GLY A 289 -7.85 10.67 33.78
C GLY A 289 -6.80 9.93 32.97
N ILE A 290 -7.27 9.04 32.10
CA ILE A 290 -6.35 8.23 31.31
C ILE A 290 -6.62 8.48 29.84
N TRP A 291 -5.54 8.48 29.06
CA TRP A 291 -5.59 8.49 27.60
C TRP A 291 -5.19 7.11 27.09
N ILE A 292 -6.11 6.41 26.42
CA ILE A 292 -5.79 5.15 25.76
C ILE A 292 -5.63 5.41 24.27
N ASN A 293 -4.52 4.94 23.70
CA ASN A 293 -4.28 5.07 22.27
C ASN A 293 -3.90 3.74 21.65
N LEU A 294 -4.39 3.50 20.44
CA LEU A 294 -3.95 2.36 19.63
C LEU A 294 -4.01 2.75 18.18
N GLY A 295 -2.90 2.68 17.49
CA GLY A 295 -2.90 2.94 16.06
C GLY A 295 -1.52 3.05 15.46
N PRO A 296 -1.48 3.31 14.19
CA PRO A 296 -0.20 3.53 13.51
C PRO A 296 0.10 5.02 13.44
N LEU A 297 1.05 5.40 12.57
CA LEU A 297 1.39 6.80 12.33
C LEU A 297 1.44 7.08 10.83
N LEU A 298 0.33 6.83 10.14
CA LEU A 298 0.20 7.21 8.73
C LEU A 298 -0.34 8.64 8.69
N TYR A 299 0.56 9.61 8.61
CA TYR A 299 0.16 11.01 8.78
C TYR A 299 -0.69 11.48 7.59
N HIS A 300 -1.91 11.90 7.89
CA HIS A 300 -2.92 12.13 6.87
C HIS A 300 -2.52 13.21 5.88
N PHE A 301 -1.89 14.29 6.36
CA PHE A 301 -1.61 15.48 5.55
C PHE A 301 -0.21 15.48 4.94
N GLU A 302 0.49 14.34 4.96
CA GLU A 302 1.91 14.33 4.59
C GLU A 302 2.12 14.68 3.12
N ASN A 303 1.42 13.99 2.23
CA ASN A 303 1.63 14.16 0.79
C ASN A 303 0.60 15.10 0.17
N LEU A 304 0.12 16.09 0.92
CA LEU A 304 -0.84 17.06 0.42
C LEU A 304 -0.21 18.43 0.38
N ALA A 305 -0.36 19.11 -0.75
CA ALA A 305 0.25 20.42 -0.93
C ALA A 305 -0.52 21.46 -0.15
N ASN A 306 0.21 22.36 0.47
CA ASN A 306 -0.26 23.54 1.17
C ASN A 306 -0.71 23.22 2.60
N GLU A 307 -0.87 21.96 2.98
CA GLU A 307 -1.35 21.60 4.30
C GLU A 307 -0.21 21.36 5.27
N LEU A 308 -0.36 21.89 6.51
CA LEU A 308 0.62 21.67 7.57
C LEU A 308 0.65 20.20 7.96
N SER A 309 1.84 19.67 8.19
CA SER A 309 1.91 18.28 8.61
C SER A 309 3.20 18.03 9.37
N ILE A 310 3.09 17.81 10.67
CA ILE A 310 4.22 17.50 11.53
C ILE A 310 4.24 15.99 11.69
N GLU A 311 5.17 15.34 10.99
CA GLU A 311 5.32 13.89 11.02
C GLU A 311 6.38 13.52 12.05
N LEU A 312 5.96 12.91 13.16
CA LEU A 312 6.83 12.53 14.26
C LEU A 312 6.96 11.02 14.35
N SER A 313 8.14 10.55 14.75
CA SER A 313 8.32 9.15 15.09
C SER A 313 7.57 8.82 16.39
N TYR A 314 7.31 7.53 16.60
CA TYR A 314 6.68 7.17 17.85
C TYR A 314 7.55 7.54 19.04
N GLU A 315 8.87 7.34 18.91
CA GLU A 315 9.84 7.79 19.89
C GLU A 315 9.65 9.27 20.25
N ASP A 316 9.45 10.11 19.24
CA ASP A 316 9.26 11.54 19.51
C ASP A 316 7.92 11.81 20.18
N ILE A 317 6.86 11.12 19.77
CA ILE A 317 5.56 11.28 20.43
C ILE A 317 5.67 10.88 21.90
N LYS A 318 6.44 9.84 22.19
CA LYS A 318 6.57 9.43 23.59
C LYS A 318 7.36 10.47 24.37
N ASN A 319 8.39 11.06 23.75
CA ASN A 319 9.14 12.10 24.43
C ASN A 319 8.26 13.30 24.73
N VAL A 320 7.31 13.62 23.84
CA VAL A 320 6.41 14.75 24.08
C VAL A 320 5.45 14.43 25.20
N VAL A 321 4.82 13.26 25.13
CA VAL A 321 3.90 12.80 26.17
C VAL A 321 4.57 12.84 27.54
N LEU A 322 5.82 12.39 27.62
CA LEU A 322 6.53 12.40 28.90
C LEU A 322 6.73 13.82 29.40
N GLN A 323 7.20 14.71 28.52
CA GLN A 323 7.47 16.08 28.93
C GLN A 323 6.21 16.78 29.42
N TYR A 324 5.04 16.40 28.90
CA TYR A 324 3.80 16.96 29.39
C TYR A 324 3.53 16.55 30.84
N GLY A 325 4.05 15.41 31.25
CA GLY A 325 3.85 14.93 32.59
C GLY A 325 2.97 13.74 32.72
N PHE A 326 2.51 13.15 31.61
CA PHE A 326 1.79 11.89 31.69
C PHE A 326 2.67 10.83 32.33
N LYS A 327 2.07 10.00 33.15
CA LYS A 327 2.71 8.78 33.59
C LYS A 327 2.30 7.67 32.63
N VAL A 328 3.26 6.82 32.28
CA VAL A 328 3.01 5.76 31.32
C VAL A 328 2.72 4.49 32.09
N GLU A 329 1.56 3.90 31.83
CA GLU A 329 1.13 2.68 32.50
C GLU A 329 1.19 1.44 31.63
N VAL A 330 0.88 1.57 30.34
CA VAL A 330 0.88 0.45 29.40
C VAL A 330 1.53 0.95 28.12
N GLU A 331 2.49 0.18 27.59
CA GLU A 331 3.10 0.46 26.29
C GLU A 331 3.35 -0.87 25.61
N LYS A 332 2.58 -1.16 24.57
CA LYS A 332 2.77 -2.34 23.75
C LYS A 332 3.06 -1.86 22.34
N GLU A 333 4.21 -2.25 21.80
CA GLU A 333 4.47 -2.04 20.40
C GLU A 333 4.25 -3.34 19.63
N SER A 334 4.17 -3.21 18.30
CA SER A 334 3.89 -4.35 17.44
C SER A 334 2.56 -5.00 17.82
N VAL A 335 1.50 -4.20 17.86
CA VAL A 335 0.15 -4.72 17.99
C VAL A 335 -0.40 -4.91 16.58
N LEU A 336 -0.56 -6.16 16.17
CA LEU A 336 -0.92 -6.46 14.80
C LEU A 336 -2.40 -6.20 14.56
N SER A 337 -2.71 -5.47 13.50
CA SER A 337 -4.10 -5.25 13.11
C SER A 337 -4.13 -4.79 11.67
N THR A 338 -5.31 -4.89 11.05
CA THR A 338 -5.52 -4.40 9.69
C THR A 338 -6.65 -3.36 9.69
N TYR A 339 -6.88 -2.75 8.53
CA TYR A 339 -7.89 -1.70 8.41
C TYR A 339 -8.62 -1.81 7.07
N THR A 340 -9.93 -2.07 7.14
CA THR A 340 -10.77 -2.35 5.96
C THR A 340 -10.04 -3.21 4.95
N VAL A 341 -9.67 -4.39 5.38
CA VAL A 341 -8.92 -5.30 4.53
C VAL A 341 -9.89 -6.20 3.78
N ASN A 342 -9.49 -6.55 2.55
CA ASN A 342 -10.21 -7.48 1.70
C ASN A 342 -9.57 -8.86 1.89
N ASP A 343 -10.16 -9.68 2.75
CA ASP A 343 -9.58 -10.99 3.07
C ASP A 343 -9.22 -11.81 1.84
N LEU A 344 -9.96 -11.65 0.73
CA LEU A 344 -9.73 -12.44 -0.47
C LEU A 344 -8.71 -11.84 -1.43
N SER A 345 -8.24 -10.63 -1.19
CA SER A 345 -7.34 -9.97 -2.13
C SER A 345 -5.94 -10.57 -2.13
N MET A 346 -5.31 -10.55 -3.30
CA MET A 346 -3.93 -10.97 -3.42
C MET A 346 -2.94 -9.93 -2.92
N MET A 347 -3.40 -8.74 -2.51
CA MET A 347 -2.55 -7.73 -1.90
C MET A 347 -3.16 -7.25 -0.58
N LYS A 348 -2.35 -7.14 0.49
CA LYS A 348 -2.90 -6.78 1.81
C LYS A 348 -1.92 -5.98 2.65
N TYR A 349 -2.46 -4.99 3.38
CA TYR A 349 -1.73 -4.13 4.29
C TYR A 349 -1.97 -4.59 5.73
N TYR A 350 -0.98 -4.39 6.58
CA TYR A 350 -1.20 -4.49 8.02
C TYR A 350 -0.35 -3.46 8.73
N TYR A 351 -0.75 -3.17 9.95
CA TYR A 351 -0.09 -2.17 10.78
C TYR A 351 0.54 -2.89 11.97
N GLU A 352 1.76 -2.48 12.32
CA GLU A 352 2.31 -2.86 13.61
C GLU A 352 2.12 -1.68 14.55
N CYS A 353 0.93 -1.61 15.13
CA CYS A 353 0.50 -0.49 15.93
C CYS A 353 1.16 -0.49 17.30
N VAL A 354 1.07 0.67 17.95
CA VAL A 354 1.44 0.81 19.34
C VAL A 354 0.17 1.02 20.15
N LEU A 355 0.08 0.35 21.28
CA LEU A 355 -0.97 0.58 22.27
C LEU A 355 -0.33 1.23 23.49
N PHE A 356 -0.90 2.35 23.96
CA PHE A 356 -0.45 2.85 25.26
C PHE A 356 -1.61 3.42 26.06
N VAL A 357 -1.46 3.37 27.38
CA VAL A 357 -2.34 4.03 28.33
C VAL A 357 -1.46 4.94 29.19
N VAL A 358 -1.77 6.23 29.21
CA VAL A 358 -1.03 7.19 30.02
C VAL A 358 -2.01 7.92 30.92
N ARG A 359 -1.59 8.20 32.15
CA ARG A 359 -2.45 8.88 33.11
C ARG A 359 -2.00 10.32 33.31
N LYS A 360 -2.95 11.24 33.31
CA LYS A 360 -2.69 12.60 33.77
C LYS A 360 -2.62 12.59 35.28
N PRO A 361 -1.48 12.91 35.91
CA PRO A 361 -1.34 12.67 37.34
C PRO A 361 -2.31 13.51 38.15
N GLN A 362 -2.71 12.97 39.28
CA GLN A 362 -3.63 13.68 40.15
C GLN A 362 -2.89 14.69 41.03
N GLU B 10 12.46 7.28 -35.78
CA GLU B 10 11.28 7.33 -34.93
C GLU B 10 11.46 6.45 -33.69
N GLU B 11 11.70 5.15 -33.91
CA GLU B 11 12.05 4.27 -32.80
C GLU B 11 13.29 4.80 -32.08
N GLU B 12 14.36 5.06 -32.83
CA GLU B 12 15.64 5.42 -32.22
C GLU B 12 15.60 6.81 -31.57
N ARG B 13 14.78 7.73 -32.09
CA ARG B 13 14.75 9.05 -31.48
C ARG B 13 13.94 9.06 -30.18
N LEU B 14 12.80 8.37 -30.15
CA LEU B 14 12.01 8.31 -28.91
C LEU B 14 12.74 7.51 -27.83
N GLU B 15 13.51 6.49 -28.24
CA GLU B 15 14.40 5.82 -27.29
C GLU B 15 15.41 6.81 -26.73
N ARG B 16 15.98 7.65 -27.60
CA ARG B 16 16.94 8.67 -27.19
C ARG B 16 16.31 9.67 -26.21
N GLU B 17 15.09 10.11 -26.51
CA GLU B 17 14.37 11.01 -25.59
C GLU B 17 14.22 10.38 -24.21
N HIS B 18 13.51 9.24 -24.16
CA HIS B 18 13.36 8.45 -22.94
C HIS B 18 14.67 8.38 -22.16
N PHE B 19 15.77 8.10 -22.86
CA PHE B 19 17.06 7.85 -22.24
C PHE B 19 17.53 9.04 -21.42
N TRP B 20 17.60 10.23 -22.03
CA TRP B 20 18.06 11.42 -21.31
C TRP B 20 17.05 11.88 -20.27
N LYS B 21 15.77 11.53 -20.44
CA LYS B 21 14.78 11.83 -19.40
C LYS B 21 15.12 11.10 -18.12
N ILE B 22 15.43 9.81 -18.22
CA ILE B 22 15.80 9.04 -17.05
C ILE B 22 17.09 9.59 -16.44
N ILE B 23 18.07 9.89 -17.29
CA ILE B 23 19.32 10.48 -16.80
C ILE B 23 19.03 11.69 -15.95
N ASN B 24 18.27 12.62 -16.52
CA ASN B 24 17.90 13.84 -15.80
C ASN B 24 17.23 13.52 -14.48
N ALA B 25 16.37 12.50 -14.46
CA ALA B 25 15.71 12.13 -13.21
C ALA B 25 16.73 11.72 -12.15
N PHE B 26 17.73 10.90 -12.54
CA PHE B 26 18.81 10.56 -11.62
C PHE B 26 19.53 11.81 -11.12
N ARG B 27 19.79 12.74 -12.02
CA ARG B 27 20.50 13.94 -11.64
C ARG B 27 19.68 14.82 -10.72
N TYR B 28 18.37 14.63 -10.65
CA TYR B 28 17.46 15.53 -9.95
C TYR B 28 17.06 15.03 -8.58
N TYR B 29 17.54 13.86 -8.17
CA TYR B 29 17.11 13.25 -6.91
C TYR B 29 17.39 14.14 -5.72
N GLY B 30 18.57 14.78 -5.69
CA GLY B 30 18.93 15.60 -4.56
C GLY B 30 18.05 16.83 -4.42
N THR B 31 17.79 17.52 -5.53
CA THR B 31 16.95 18.70 -5.49
C THR B 31 15.56 18.36 -4.95
N SER B 32 14.93 17.34 -5.51
CA SER B 32 13.62 16.86 -5.06
C SER B 32 13.61 16.60 -3.54
N MET B 33 14.46 15.69 -3.08
CA MET B 33 14.39 15.27 -1.69
C MET B 33 14.73 16.41 -0.74
N HIS B 34 15.72 17.23 -1.10
CA HIS B 34 16.06 18.38 -0.26
C HIS B 34 14.88 19.33 -0.13
N GLU B 35 14.15 19.57 -1.21
CA GLU B 35 12.98 20.43 -1.10
C GLU B 35 11.97 19.85 -0.12
N ARG B 36 11.84 18.52 -0.11
CA ARG B 36 10.92 17.86 0.83
C ARG B 36 11.35 18.07 2.27
N VAL B 37 12.65 18.00 2.53
CA VAL B 37 13.13 18.20 3.88
C VAL B 37 13.01 19.67 4.27
N ASN B 38 13.23 20.57 3.31
CA ASN B 38 13.06 21.98 3.58
C ASN B 38 11.60 22.36 3.82
N ARG B 39 10.66 21.68 3.17
CA ARG B 39 9.27 21.84 3.58
C ARG B 39 9.13 21.53 5.07
N THR B 40 9.64 20.38 5.49
CA THR B 40 9.52 19.96 6.88
C THR B 40 10.15 20.97 7.83
N GLU B 41 11.41 21.37 7.58
CA GLU B 41 12.05 22.37 8.43
C GLU B 41 11.24 23.66 8.47
N ARG B 42 10.76 24.12 7.32
CA ARG B 42 9.91 25.30 7.26
C ARG B 42 8.75 25.18 8.23
N GLN B 43 8.03 24.06 8.15
CA GLN B 43 6.83 23.89 8.96
C GLN B 43 7.18 23.78 10.44
N PHE B 44 8.18 22.98 10.77
CA PHE B 44 8.62 22.87 12.16
C PHE B 44 8.93 24.24 12.76
N ARG B 45 9.62 25.09 12.00
CA ARG B 45 9.97 26.40 12.52
C ARG B 45 8.77 27.33 12.62
N SER B 46 7.65 27.03 11.98
CA SER B 46 6.45 27.84 12.15
C SER B 46 5.64 27.44 13.39
N LEU B 47 6.08 26.43 14.15
CA LEU B 47 5.37 26.03 15.35
C LEU B 47 5.64 27.03 16.47
N PRO B 48 4.74 27.11 17.45
CA PRO B 48 5.08 27.86 18.66
C PRO B 48 6.40 27.37 19.21
N ALA B 49 7.25 28.30 19.63
CA ALA B 49 8.60 27.94 20.04
C ALA B 49 8.58 26.95 21.19
N ASN B 50 7.56 26.99 22.05
CA ASN B 50 7.52 26.07 23.16
C ASN B 50 7.38 24.63 22.67
N GLN B 51 6.67 24.43 21.56
CA GLN B 51 6.60 23.09 20.99
C GLN B 51 7.93 22.68 20.36
N GLN B 52 8.67 23.62 19.77
CA GLN B 52 9.95 23.24 19.18
C GLN B 52 10.96 22.82 20.23
N LYS B 53 10.86 23.38 21.45
CA LYS B 53 11.78 22.98 22.51
C LYS B 53 11.42 21.63 23.14
N LEU B 54 10.28 21.06 22.77
CA LEU B 54 9.98 19.69 23.16
C LEU B 54 10.80 18.68 22.37
N LEU B 55 11.36 19.09 21.23
CA LEU B 55 12.04 18.19 20.30
C LEU B 55 13.40 18.78 19.95
N PRO B 56 14.30 18.89 20.93
CA PRO B 56 15.56 19.59 20.70
C PRO B 56 16.52 18.86 19.75
N GLN B 57 16.14 17.70 19.22
CA GLN B 57 16.96 16.99 18.25
C GLN B 57 16.36 17.01 16.85
N PHE B 58 15.19 17.62 16.67
CA PHE B 58 14.49 17.57 15.40
C PHE B 58 15.34 18.14 14.26
N LEU B 59 15.79 19.39 14.40
CA LEU B 59 16.61 19.99 13.36
C LEU B 59 17.91 19.21 13.14
N LEU B 60 18.47 18.63 14.19
CA LEU B 60 19.64 17.79 13.99
C LEU B 60 19.31 16.60 13.12
N HIS B 61 18.19 15.93 13.40
CA HIS B 61 17.79 14.76 12.62
C HIS B 61 17.57 15.14 11.17
N LEU B 62 16.95 16.30 10.92
CA LEU B 62 16.80 16.77 9.54
C LEU B 62 18.16 16.88 8.86
N ASP B 63 19.18 17.34 9.58
CA ASP B 63 20.51 17.43 8.98
C ASP B 63 21.08 16.04 8.66
N LYS B 64 20.75 15.03 9.46
CA LYS B 64 21.25 13.70 9.14
C LYS B 64 20.58 13.15 7.88
N ILE B 65 19.27 13.39 7.75
CA ILE B 65 18.59 13.05 6.50
C ILE B 65 19.29 13.72 5.31
N ARG B 66 19.63 14.99 5.45
CA ARG B 66 20.23 15.69 4.32
C ARG B 66 21.53 15.00 3.89
N LYS B 67 22.38 14.63 4.85
CA LYS B 67 23.60 13.88 4.50
C LYS B 67 23.27 12.58 3.78
N CYS B 68 22.21 11.89 4.22
CA CYS B 68 21.76 10.67 3.55
C CYS B 68 21.36 10.94 2.12
N ILE B 69 20.55 11.98 1.90
CA ILE B 69 20.19 12.42 0.55
C ILE B 69 21.44 12.67 -0.28
N ASP B 70 22.43 13.34 0.29
CA ASP B 70 23.63 13.62 -0.46
C ASP B 70 24.34 12.33 -0.84
N HIS B 71 24.37 11.37 0.07
CA HIS B 71 25.01 10.11 -0.24
C HIS B 71 24.26 9.35 -1.32
N ASN B 72 22.93 9.25 -1.20
CA ASN B 72 22.14 8.58 -2.24
C ASN B 72 22.37 9.24 -3.59
N GLN B 73 22.51 10.57 -3.59
CA GLN B 73 22.69 11.26 -4.85
C GLN B 73 24.03 10.87 -5.47
N GLU B 74 25.04 10.61 -4.62
CA GLU B 74 26.35 10.23 -5.12
C GLU B 74 26.29 8.88 -5.82
N ILE B 75 25.63 7.90 -5.19
CA ILE B 75 25.42 6.62 -5.85
C ILE B 75 24.75 6.82 -7.20
N LEU B 76 23.67 7.60 -7.22
CA LEU B 76 22.95 7.83 -8.48
C LEU B 76 23.84 8.49 -9.52
N LEU B 77 24.76 9.37 -9.10
CA LEU B 77 25.62 10.01 -10.09
C LEU B 77 26.66 9.05 -10.63
N THR B 78 27.08 8.08 -9.82
CA THR B 78 27.98 7.05 -10.29
C THR B 78 27.32 6.22 -11.37
N ILE B 79 26.06 5.84 -11.13
CA ILE B 79 25.29 5.14 -12.14
C ILE B 79 25.21 5.98 -13.42
N VAL B 80 24.88 7.27 -13.29
CA VAL B 80 24.77 8.11 -14.47
C VAL B 80 26.10 8.17 -15.21
N ASN B 81 27.20 8.32 -14.47
CA ASN B 81 28.53 8.37 -15.07
C ASN B 81 28.83 7.08 -15.81
N ASP B 82 28.37 5.95 -15.28
CA ASP B 82 28.66 4.68 -15.90
C ASP B 82 27.97 4.54 -17.25
N CYS B 83 26.71 4.94 -17.32
CA CYS B 83 25.89 4.73 -18.52
C CYS B 83 26.18 5.73 -19.62
N ILE B 84 26.59 6.95 -19.27
CA ILE B 84 26.93 7.95 -20.29
C ILE B 84 28.11 7.46 -21.13
N HIS B 85 29.15 6.95 -20.47
CA HIS B 85 30.40 6.56 -21.13
C HIS B 85 30.44 5.08 -21.48
N MET B 86 29.34 4.53 -21.99
CA MET B 86 29.29 3.11 -22.31
C MET B 86 29.86 2.88 -23.70
N PHE B 87 30.45 1.69 -23.87
CA PHE B 87 30.94 1.30 -25.19
C PHE B 87 29.79 1.20 -26.20
N GLU B 88 28.59 0.81 -25.75
CA GLU B 88 27.44 0.62 -26.64
C GLU B 88 26.33 1.64 -26.40
N ASN B 89 26.53 2.62 -25.53
CA ASN B 89 25.62 3.75 -25.43
C ASN B 89 26.10 4.96 -26.22
N LYS B 90 27.05 4.75 -27.14
CA LYS B 90 27.48 5.81 -28.04
C LYS B 90 26.36 6.24 -29.00
N GLU B 91 25.27 5.48 -29.07
CA GLU B 91 24.20 5.71 -30.04
C GLU B 91 23.23 6.81 -29.62
N TYR B 92 23.25 7.25 -28.37
CA TYR B 92 22.26 8.22 -27.87
C TYR B 92 22.73 9.67 -27.95
N GLY B 93 24.03 9.92 -27.97
CA GLY B 93 24.53 11.29 -28.13
C GLY B 93 25.37 11.79 -26.97
N ILE B 100 18.22 20.15 -19.84
CA ILE B 100 18.05 20.29 -18.40
C ILE B 100 16.65 20.81 -18.04
N MET B 101 15.88 19.97 -17.34
CA MET B 101 14.52 20.26 -16.91
C MET B 101 14.28 19.56 -15.58
N PRO B 102 13.25 19.95 -14.83
CA PRO B 102 12.93 19.22 -13.59
C PRO B 102 12.14 17.96 -13.86
N ALA B 103 12.45 16.91 -13.11
CA ALA B 103 11.83 15.63 -13.38
C ALA B 103 10.40 15.61 -12.89
N SER B 104 9.62 14.68 -13.42
CA SER B 104 8.25 14.55 -12.96
C SER B 104 8.20 13.86 -11.60
N THR B 105 7.14 14.13 -10.86
CA THR B 105 6.93 13.41 -9.62
C THR B 105 6.83 11.92 -9.86
N PHE B 106 6.41 11.53 -11.07
CA PHE B 106 6.32 10.12 -11.40
C PHE B 106 7.70 9.50 -11.52
N ASP B 107 8.64 10.19 -12.18
CA ASP B 107 10.01 9.72 -12.25
C ASP B 107 10.65 9.64 -10.87
N MET B 108 10.45 10.66 -10.04
CA MET B 108 11.01 10.61 -8.69
C MET B 108 10.51 9.40 -7.91
N ASP B 109 9.24 9.02 -8.10
CA ASP B 109 8.73 7.84 -7.43
C ASP B 109 9.41 6.59 -7.94
N LYS B 110 9.56 6.49 -9.27
CA LYS B 110 10.30 5.37 -9.83
C LYS B 110 11.71 5.32 -9.27
N LEU B 111 12.36 6.48 -9.14
CA LEU B 111 13.68 6.56 -8.53
C LEU B 111 13.68 5.93 -7.14
N LYS B 112 12.79 6.42 -6.27
CA LYS B 112 12.68 5.90 -4.92
C LYS B 112 12.44 4.39 -4.93
N SER B 113 11.66 3.90 -5.89
CA SER B 113 11.47 2.47 -6.02
C SER B 113 12.78 1.78 -6.40
N THR B 114 13.53 2.37 -7.32
CA THR B 114 14.80 1.80 -7.73
C THR B 114 15.73 1.61 -6.54
N LEU B 115 15.87 2.62 -5.68
CA LEU B 115 16.78 2.46 -4.54
C LEU B 115 16.35 1.30 -3.65
N LYS B 116 15.05 1.13 -3.43
CA LYS B 116 14.62 0.02 -2.59
C LYS B 116 14.96 -1.32 -3.24
N GLN B 117 14.84 -1.37 -4.57
CA GLN B 117 15.18 -2.57 -5.33
C GLN B 117 16.59 -3.07 -5.05
N PHE B 118 17.53 -2.20 -4.69
CA PHE B 118 18.87 -2.67 -4.33
C PHE B 118 18.86 -3.51 -3.06
N VAL B 119 17.92 -3.25 -2.15
CA VAL B 119 17.78 -4.08 -0.97
C VAL B 119 17.31 -5.46 -1.36
N ARG B 120 16.26 -5.53 -2.18
CA ARG B 120 15.66 -6.79 -2.58
C ARG B 120 16.68 -7.70 -3.24
N ASP B 121 17.41 -7.15 -4.22
CA ASP B 121 18.24 -7.95 -5.10
C ASP B 121 19.70 -8.05 -4.68
N TRP B 122 20.25 -7.09 -3.92
CA TRP B 122 21.70 -7.18 -3.72
C TRP B 122 22.14 -6.87 -2.30
N SER B 123 21.26 -7.00 -1.31
CA SER B 123 21.61 -6.77 0.08
C SER B 123 21.24 -7.98 0.92
N GLU B 124 22.03 -8.24 1.96
CA GLU B 124 21.67 -9.31 2.89
C GLU B 124 20.32 -9.04 3.54
N THR B 125 19.95 -7.78 3.65
CA THR B 125 18.66 -7.40 4.21
C THR B 125 17.49 -7.96 3.40
N GLY B 126 17.69 -8.19 2.10
CA GLY B 126 16.64 -8.72 1.26
C GLY B 126 16.70 -10.21 1.00
N LYS B 127 17.44 -10.95 1.84
CA LYS B 127 17.54 -12.39 1.63
C LYS B 127 16.19 -13.10 1.87
N ALA B 128 15.50 -12.74 2.96
CA ALA B 128 14.21 -13.38 3.24
C ALA B 128 13.23 -13.22 2.08
N GLU B 129 13.18 -12.03 1.49
CA GLU B 129 12.29 -11.77 0.35
C GLU B 129 12.68 -12.60 -0.85
N ARG B 130 13.98 -12.64 -1.17
CA ARG B 130 14.45 -13.52 -2.24
C ARG B 130 14.11 -14.98 -1.93
N ASP B 131 14.20 -15.38 -0.66
CA ASP B 131 13.84 -16.76 -0.29
C ASP B 131 12.41 -17.08 -0.67
N ALA B 132 11.48 -16.14 -0.45
CA ALA B 132 10.08 -16.43 -0.73
C ALA B 132 9.75 -16.34 -2.20
N CYS B 133 10.42 -15.47 -2.95
CA CYS B 133 10.06 -15.27 -4.36
C CYS B 133 10.96 -16.03 -5.32
N TYR B 134 12.25 -16.11 -5.03
CA TYR B 134 13.16 -16.67 -6.02
C TYR B 134 13.39 -18.16 -5.79
N GLN B 135 13.54 -18.58 -4.54
CA GLN B 135 13.77 -20.01 -4.28
C GLN B 135 12.73 -20.91 -4.94
N PRO B 136 11.43 -20.59 -4.95
CA PRO B 136 10.49 -21.52 -5.59
C PRO B 136 10.70 -21.60 -7.09
N ILE B 137 11.01 -20.48 -7.74
CA ILE B 137 11.30 -20.52 -9.17
C ILE B 137 12.54 -21.39 -9.43
N ILE B 138 13.65 -21.04 -8.78
CA ILE B 138 14.89 -21.81 -8.92
C ILE B 138 14.64 -23.28 -8.61
N LYS B 139 13.82 -23.54 -7.58
CA LYS B 139 13.50 -24.92 -7.22
C LYS B 139 12.76 -25.61 -8.36
N GLU B 140 11.87 -24.90 -9.04
CA GLU B 140 11.18 -25.51 -10.17
C GLU B 140 12.12 -25.73 -11.34
N ILE B 141 13.09 -24.84 -11.56
CA ILE B 141 14.03 -25.02 -12.66
C ILE B 141 14.86 -26.28 -12.43
N LEU B 142 15.33 -26.50 -11.20
CA LEU B 142 16.15 -27.68 -10.93
C LEU B 142 15.33 -28.95 -11.06
N LYS B 143 14.02 -28.87 -10.81
CA LYS B 143 13.15 -30.02 -10.89
C LYS B 143 13.00 -30.51 -12.33
N ASN B 144 12.83 -29.57 -13.26
CA ASN B 144 12.56 -29.85 -14.66
C ASN B 144 13.81 -30.03 -15.50
N PHE B 145 14.94 -29.48 -15.08
CA PHE B 145 16.22 -29.68 -15.74
C PHE B 145 17.25 -30.15 -14.73
N PRO B 146 17.08 -31.36 -14.20
CA PRO B 146 18.02 -31.85 -13.17
C PRO B 146 19.43 -32.01 -13.72
N LYS B 147 20.41 -31.65 -12.89
CA LYS B 147 21.81 -31.82 -13.25
C LYS B 147 22.15 -33.24 -13.71
N GLU B 148 21.39 -34.25 -13.27
CA GLU B 148 21.74 -35.62 -13.64
C GLU B 148 21.41 -35.92 -15.10
N ARG B 149 20.50 -35.19 -15.72
CA ARG B 149 20.09 -35.49 -17.08
C ARG B 149 20.25 -34.35 -18.06
N TRP B 150 20.69 -33.17 -17.62
CA TRP B 150 20.75 -32.03 -18.53
C TRP B 150 22.05 -31.30 -18.34
N ASP B 151 22.75 -31.08 -19.44
CA ASP B 151 23.84 -30.13 -19.37
C ASP B 151 23.26 -28.73 -19.24
N PRO B 152 23.35 -28.08 -18.08
CA PRO B 152 22.62 -26.82 -17.88
C PRO B 152 23.06 -25.71 -18.82
N SER B 153 24.25 -25.84 -19.44
CA SER B 153 24.73 -24.87 -20.40
C SER B 153 23.99 -24.93 -21.72
N LYS B 154 23.28 -26.02 -21.95
CA LYS B 154 22.45 -26.18 -23.14
C LYS B 154 20.99 -25.87 -22.86
N VAL B 155 20.65 -25.42 -21.66
CA VAL B 155 19.27 -25.10 -21.32
C VAL B 155 19.13 -23.58 -21.36
N ASN B 156 18.24 -23.09 -22.21
CA ASN B 156 18.11 -21.67 -22.47
C ASN B 156 16.94 -21.10 -21.67
N ILE B 157 17.24 -20.16 -20.78
CA ILE B 157 16.25 -19.62 -19.88
C ILE B 157 16.20 -18.11 -20.01
N LEU B 158 15.05 -17.59 -20.39
CA LEU B 158 14.80 -16.17 -20.54
C LEU B 158 14.12 -15.67 -19.27
N VAL B 159 14.66 -14.61 -18.69
CA VAL B 159 14.02 -13.99 -17.53
C VAL B 159 13.55 -12.59 -17.88
N PRO B 160 12.32 -12.39 -18.36
CA PRO B 160 11.88 -11.02 -18.70
C PRO B 160 11.54 -10.19 -17.49
N GLY B 161 11.68 -8.88 -17.64
CA GLY B 161 11.47 -7.96 -16.53
C GLY B 161 12.38 -8.28 -15.37
N ALA B 162 13.66 -8.49 -15.68
CA ALA B 162 14.61 -9.01 -14.71
C ALA B 162 15.00 -8.00 -13.64
N GLY B 163 14.63 -6.73 -13.79
CA GLY B 163 14.89 -5.75 -12.75
C GLY B 163 16.38 -5.55 -12.52
N LEU B 164 16.78 -5.63 -11.24
CA LEU B 164 18.21 -5.50 -10.94
C LEU B 164 18.99 -6.77 -11.24
N GLY B 165 18.33 -7.86 -11.61
CA GLY B 165 18.97 -9.02 -12.17
C GLY B 165 19.40 -10.12 -11.23
N ARG B 166 19.00 -10.06 -9.95
CA ARG B 166 19.49 -11.07 -9.01
C ARG B 166 19.01 -12.47 -9.38
N LEU B 167 17.75 -12.62 -9.80
CA LEU B 167 17.20 -13.94 -10.09
C LEU B 167 17.85 -14.56 -11.32
N ALA B 168 17.93 -13.80 -12.41
CA ALA B 168 18.68 -14.26 -13.58
C ALA B 168 20.08 -14.69 -13.20
N TRP B 169 20.75 -13.86 -12.38
CA TRP B 169 22.09 -14.15 -11.90
C TRP B 169 22.15 -15.49 -11.16
N GLU B 170 21.19 -15.71 -10.26
CA GLU B 170 21.17 -16.93 -9.47
C GLU B 170 21.04 -18.16 -10.35
N ILE B 171 20.13 -18.11 -11.32
CA ILE B 171 20.02 -19.17 -12.33
C ILE B 171 21.36 -19.36 -13.04
N ALA B 172 22.02 -18.27 -13.40
CA ALA B 172 23.29 -18.38 -14.10
C ALA B 172 24.35 -19.03 -13.22
N MET B 173 24.25 -18.85 -11.90
CA MET B 173 25.20 -19.46 -10.97
C MET B 173 25.12 -20.97 -10.97
N LEU B 174 23.99 -21.52 -11.37
CA LEU B 174 23.84 -22.95 -11.50
C LEU B 174 24.29 -23.47 -12.86
N GLY B 175 24.65 -22.59 -13.78
CA GLY B 175 25.16 -23.01 -15.06
C GLY B 175 24.16 -23.04 -16.19
N TYR B 176 22.93 -22.56 -15.98
CA TYR B 176 21.97 -22.48 -17.06
C TYR B 176 22.33 -21.31 -17.98
N ALA B 177 22.03 -21.46 -19.27
CA ALA B 177 22.24 -20.40 -20.23
C ALA B 177 21.15 -19.36 -20.03
N CYS B 178 21.36 -18.46 -19.12
CA CYS B 178 20.31 -17.57 -18.65
C CYS B 178 20.50 -16.17 -19.20
N GLN B 179 19.41 -15.59 -19.67
CA GLN B 179 19.43 -14.23 -20.19
C GLN B 179 18.31 -13.44 -19.56
N GLY B 180 18.67 -12.37 -18.87
CA GLY B 180 17.69 -11.43 -18.37
C GLY B 180 17.39 -10.37 -19.42
N ASN B 181 16.12 -9.98 -19.48
CA ASN B 181 15.70 -8.87 -20.31
C ASN B 181 15.01 -7.83 -19.43
N GLU B 182 15.21 -6.56 -19.78
CA GLU B 182 14.54 -5.49 -19.03
C GLU B 182 14.27 -4.32 -19.97
N TRP B 183 13.11 -3.66 -19.77
CA TRP B 183 12.73 -2.53 -20.62
C TRP B 183 13.07 -1.16 -20.02
N SER B 184 13.09 -1.03 -18.69
CA SER B 184 13.17 0.26 -18.02
C SER B 184 14.60 0.72 -17.81
N PHE B 185 14.87 2.00 -18.11
CA PHE B 185 16.22 2.56 -17.94
C PHE B 185 16.58 2.72 -16.47
N PHE B 186 15.60 2.95 -15.59
CA PHE B 186 15.89 2.85 -14.17
C PHE B 186 16.54 1.51 -13.86
N MET B 187 15.92 0.43 -14.31
CA MET B 187 16.44 -0.90 -14.00
C MET B 187 17.74 -1.17 -14.75
N LEU B 188 17.82 -0.77 -16.02
CA LEU B 188 19.00 -1.09 -16.83
C LEU B 188 20.23 -0.35 -16.33
N PHE B 189 20.10 0.96 -16.07
CA PHE B 189 21.21 1.72 -15.49
C PHE B 189 21.72 1.05 -14.21
N SER B 190 20.80 0.61 -13.36
CA SER B 190 21.24 0.13 -12.06
C SER B 190 21.87 -1.25 -12.16
N SER B 191 21.21 -2.19 -12.85
CA SER B 191 21.76 -3.53 -12.99
C SER B 191 23.09 -3.51 -13.73
N ASN B 192 23.22 -2.62 -14.73
CA ASN B 192 24.52 -2.49 -15.39
C ASN B 192 25.61 -2.10 -14.41
N PHE B 193 25.28 -1.23 -13.45
CA PHE B 193 26.22 -0.80 -12.44
C PHE B 193 26.53 -1.93 -11.46
N VAL B 194 25.51 -2.56 -10.89
CA VAL B 194 25.76 -3.60 -9.88
C VAL B 194 26.47 -4.79 -10.50
N LEU B 195 26.08 -5.18 -11.72
CA LEU B 195 26.63 -6.38 -12.34
C LEU B 195 28.00 -6.16 -12.93
N ASN B 196 28.33 -4.96 -13.35
CA ASN B 196 29.59 -4.75 -14.03
C ASN B 196 30.60 -3.95 -13.24
N ARG B 197 30.20 -3.27 -12.15
CA ARG B 197 31.14 -2.41 -11.44
C ARG B 197 31.37 -2.74 -9.98
N CYS B 198 30.47 -3.48 -9.31
CA CYS B 198 30.62 -3.79 -7.89
C CYS B 198 31.29 -5.15 -7.73
N SER B 199 32.63 -5.18 -7.68
CA SER B 199 33.37 -6.43 -7.54
C SER B 199 33.90 -6.67 -6.13
N GLU B 200 33.33 -5.98 -5.14
CA GLU B 200 33.73 -6.11 -3.75
C GLU B 200 32.48 -6.12 -2.87
N ILE B 201 32.36 -7.13 -2.00
CA ILE B 201 31.14 -7.30 -1.21
C ILE B 201 30.95 -6.15 -0.25
N ASN B 202 29.73 -5.60 -0.22
CA ASN B 202 29.31 -4.57 0.73
C ASN B 202 30.20 -3.33 0.67
N LYS B 203 30.78 -3.06 -0.49
CA LYS B 203 31.59 -1.85 -0.67
C LYS B 203 30.73 -0.59 -0.72
N TYR B 204 29.50 -0.71 -1.21
CA TYR B 204 28.62 0.43 -1.38
C TYR B 204 27.49 0.38 -0.36
N LYS B 205 26.81 1.51 -0.22
CA LYS B 205 25.83 1.71 0.83
C LYS B 205 24.81 2.73 0.36
N LEU B 206 23.54 2.54 0.70
CA LEU B 206 22.59 3.62 0.50
C LEU B 206 21.53 3.62 1.59
N TYR B 207 20.69 4.65 1.54
CA TYR B 207 19.68 4.93 2.56
C TYR B 207 18.31 4.84 1.90
N PRO B 208 17.75 3.64 1.80
CA PRO B 208 16.51 3.47 1.02
C PRO B 208 15.25 3.93 1.72
N TRP B 209 15.31 4.29 3.00
CA TRP B 209 14.10 4.61 3.73
C TRP B 209 13.96 6.09 4.10
N ILE B 210 14.90 6.96 3.72
CA ILE B 210 14.78 8.35 4.13
C ILE B 210 13.52 9.00 3.60
N HIS B 211 12.93 8.45 2.53
CA HIS B 211 11.71 9.02 1.97
C HIS B 211 10.52 8.83 2.89
N GLN B 212 10.56 7.80 3.75
CA GLN B 212 9.45 7.48 4.64
C GLN B 212 9.48 8.34 5.90
N PHE B 213 8.46 9.19 6.09
CA PHE B 213 8.34 10.00 7.29
C PHE B 213 7.25 9.55 8.23
N SER B 214 6.30 8.76 7.74
CA SER B 214 5.27 8.15 8.54
C SER B 214 5.73 6.79 9.06
N ASN B 215 5.10 6.35 10.15
CA ASN B 215 5.19 4.98 10.64
C ASN B 215 6.59 4.57 11.07
N ASN B 216 7.36 5.50 11.61
CA ASN B 216 8.68 5.21 12.13
C ASN B 216 8.61 5.01 13.64
N ARG B 217 9.05 3.82 14.11
CA ARG B 217 9.11 3.56 15.54
C ARG B 217 10.12 4.48 16.21
N ARG B 218 11.36 4.45 15.72
CA ARG B 218 12.41 5.35 16.11
C ARG B 218 12.79 6.22 14.92
N SER B 219 13.18 7.47 15.20
CA SER B 219 13.65 8.34 14.12
C SER B 219 14.95 7.82 13.48
N ALA B 220 15.76 7.07 14.23
CA ALA B 220 16.95 6.48 13.64
C ALA B 220 16.59 5.49 12.54
N ASP B 221 15.38 4.94 12.59
CA ASP B 221 14.99 3.91 11.64
C ASP B 221 14.98 4.44 10.22
N GLN B 222 14.62 5.71 10.04
CA GLN B 222 14.50 6.28 8.71
C GLN B 222 15.85 6.56 8.05
N ILE B 223 16.92 6.72 8.83
CA ILE B 223 18.24 7.03 8.29
C ILE B 223 19.17 5.84 8.31
N ARG B 224 18.68 4.63 8.61
CA ARG B 224 19.58 3.48 8.67
C ARG B 224 20.02 3.05 7.27
N PRO B 225 21.24 2.57 7.13
CA PRO B 225 21.75 2.18 5.81
C PRO B 225 21.52 0.70 5.53
N ILE B 226 21.66 0.35 4.25
CA ILE B 226 21.84 -1.02 3.82
C ILE B 226 23.06 -1.05 2.94
N PHE B 227 23.74 -2.19 2.93
CA PHE B 227 24.98 -2.36 2.18
C PHE B 227 24.74 -3.33 1.04
N PHE B 228 25.64 -3.30 0.07
CA PHE B 228 25.49 -4.07 -1.16
C PHE B 228 26.79 -3.97 -1.96
N PRO B 229 27.08 -4.95 -2.82
CA PRO B 229 26.28 -6.16 -3.01
C PRO B 229 26.63 -7.18 -1.94
N ASP B 230 25.67 -7.99 -1.46
CA ASP B 230 26.06 -9.01 -0.47
C ASP B 230 26.90 -10.12 -1.09
N VAL B 231 27.15 -10.04 -2.39
CA VAL B 231 27.70 -11.12 -3.17
C VAL B 231 28.43 -10.50 -4.35
N ASP B 232 29.57 -11.10 -4.72
CA ASP B 232 30.30 -10.61 -5.89
C ASP B 232 29.63 -11.10 -7.17
N PRO B 233 29.16 -10.21 -8.06
CA PRO B 233 28.54 -10.69 -9.31
C PRO B 233 29.53 -11.41 -10.20
N HIS B 234 30.81 -11.09 -10.11
CA HIS B 234 31.79 -11.74 -10.95
C HIS B 234 32.31 -13.05 -10.36
N SER B 235 31.62 -13.59 -9.37
CA SER B 235 31.89 -14.93 -8.88
C SER B 235 31.15 -16.00 -9.67
N LEU B 236 30.50 -15.63 -10.77
CA LEU B 236 30.00 -16.62 -11.70
C LEU B 236 31.14 -17.56 -12.10
N PRO B 237 30.96 -18.87 -11.97
CA PRO B 237 32.03 -19.80 -12.35
C PRO B 237 32.24 -19.79 -13.86
N PRO B 238 33.47 -20.06 -14.32
CA PRO B 238 33.69 -20.19 -15.76
C PRO B 238 32.84 -21.31 -16.36
N GLY B 239 32.38 -21.09 -17.57
CA GLY B 239 31.32 -21.88 -18.12
C GLY B 239 29.96 -21.26 -17.95
N SER B 240 29.83 -20.24 -17.10
CA SER B 240 28.57 -19.53 -16.95
C SER B 240 28.24 -18.77 -18.21
N ASN B 241 26.95 -18.70 -18.53
CA ASN B 241 26.48 -18.01 -19.72
C ASN B 241 25.33 -17.11 -19.28
N PHE B 242 25.66 -15.84 -19.01
CA PHE B 242 24.75 -14.87 -18.42
C PHE B 242 24.79 -13.56 -19.19
N SER B 243 23.63 -13.02 -19.54
CA SER B 243 23.58 -11.77 -20.28
C SER B 243 22.30 -11.01 -19.96
N MET B 244 22.36 -9.70 -20.17
CA MET B 244 21.21 -8.83 -19.97
C MET B 244 20.98 -8.04 -21.25
N THR B 245 19.71 -7.94 -21.64
CA THR B 245 19.30 -7.22 -22.83
C THR B 245 18.31 -6.11 -22.48
N ALA B 246 18.28 -5.10 -23.32
CA ALA B 246 17.48 -3.90 -23.09
C ALA B 246 16.45 -3.78 -24.21
N GLY B 247 15.19 -3.74 -23.84
CA GLY B 247 14.13 -3.54 -24.81
C GLY B 247 12.85 -4.20 -24.37
N ASP B 248 11.81 -3.96 -25.16
CA ASP B 248 10.51 -4.60 -24.92
C ASP B 248 10.65 -6.05 -25.32
N PHE B 249 10.28 -6.96 -24.43
CA PHE B 249 10.59 -8.35 -24.69
C PHE B 249 9.71 -8.93 -25.78
N GLN B 250 8.56 -8.31 -26.04
CA GLN B 250 7.75 -8.70 -27.17
C GLN B 250 8.45 -8.40 -28.49
N GLU B 251 9.11 -7.25 -28.59
CA GLU B 251 9.79 -6.90 -29.83
C GLU B 251 11.14 -7.62 -29.97
N ILE B 252 11.86 -7.82 -28.87
CA ILE B 252 13.21 -8.39 -28.97
C ILE B 252 13.16 -9.89 -29.22
N TYR B 253 12.21 -10.59 -28.60
CA TYR B 253 12.20 -12.04 -28.64
C TYR B 253 11.07 -12.50 -29.53
N SER B 254 11.25 -12.29 -30.82
CA SER B 254 10.20 -12.62 -31.76
C SER B 254 10.39 -13.99 -32.42
N GLU B 255 11.59 -14.56 -32.34
CA GLU B 255 11.85 -15.88 -32.91
C GLU B 255 11.07 -16.95 -32.14
N CYS B 256 10.28 -17.74 -32.85
CA CYS B 256 9.46 -18.79 -32.24
C CYS B 256 10.33 -19.99 -31.87
N ASN B 257 9.78 -20.83 -30.98
CA ASN B 257 10.36 -22.13 -30.62
C ASN B 257 11.84 -22.01 -30.28
N THR B 258 12.12 -21.26 -29.25
CA THR B 258 13.52 -21.00 -28.96
C THR B 258 13.90 -21.37 -27.53
N TRP B 259 13.06 -21.07 -26.55
CA TRP B 259 13.45 -21.08 -25.15
C TRP B 259 13.00 -22.35 -24.44
N ASP B 260 13.90 -22.92 -23.64
CA ASP B 260 13.52 -24.07 -22.85
C ASP B 260 12.61 -23.65 -21.70
N CYS B 261 12.82 -22.46 -21.18
CA CYS B 261 12.16 -22.05 -19.96
C CYS B 261 12.12 -20.54 -19.92
N ILE B 262 10.92 -20.01 -19.76
CA ILE B 262 10.71 -18.60 -19.50
C ILE B 262 10.27 -18.47 -18.05
N ALA B 263 10.88 -17.57 -17.31
CA ALA B 263 10.69 -17.42 -15.87
C ALA B 263 10.29 -15.99 -15.54
N THR B 264 9.08 -15.80 -15.01
CA THR B 264 8.56 -14.44 -14.73
C THR B 264 8.24 -14.27 -13.24
N CYS B 265 8.82 -13.23 -12.63
CA CYS B 265 8.63 -12.92 -11.20
C CYS B 265 8.16 -11.47 -11.07
N PHE B 266 6.93 -11.30 -10.58
CA PHE B 266 6.30 -9.98 -10.46
C PHE B 266 6.32 -9.25 -11.80
N PHE B 267 6.06 -9.99 -12.88
CA PHE B 267 6.19 -9.40 -14.20
C PHE B 267 4.86 -9.22 -14.92
N ILE B 268 4.02 -10.25 -15.02
CA ILE B 268 2.94 -10.21 -16.00
C ILE B 268 1.92 -9.12 -15.69
N ASP B 269 1.77 -8.72 -14.43
CA ASP B 269 0.86 -7.61 -14.16
C ASP B 269 1.43 -6.25 -14.56
N THR B 270 2.57 -6.21 -15.25
CA THR B 270 3.09 -4.96 -15.81
C THR B 270 2.68 -4.74 -17.26
N ALA B 271 1.94 -5.67 -17.85
CA ALA B 271 1.54 -5.53 -19.24
C ALA B 271 0.35 -4.59 -19.38
N HIS B 272 0.33 -3.86 -20.50
CA HIS B 272 -0.90 -3.24 -20.94
C HIS B 272 -1.98 -4.28 -21.13
N ASN B 273 -1.60 -5.42 -21.71
CA ASN B 273 -2.55 -6.51 -22.00
C ASN B 273 -1.82 -7.82 -21.75
N VAL B 274 -2.09 -8.44 -20.61
CA VAL B 274 -1.38 -9.68 -20.24
C VAL B 274 -1.62 -10.78 -21.26
N ILE B 275 -2.71 -10.71 -22.01
CA ILE B 275 -2.94 -11.71 -23.05
C ILE B 275 -1.83 -11.65 -24.10
N ASP B 276 -1.40 -10.44 -24.48
CA ASP B 276 -0.23 -10.29 -25.35
C ASP B 276 0.98 -11.03 -24.78
N TYR B 277 1.25 -10.86 -23.48
CA TYR B 277 2.37 -11.57 -22.86
C TYR B 277 2.22 -13.08 -23.01
N ILE B 278 1.03 -13.61 -22.73
CA ILE B 278 0.81 -15.05 -22.80
C ILE B 278 0.99 -15.55 -24.23
N ASP B 279 0.51 -14.77 -25.20
CA ASP B 279 0.69 -15.12 -26.60
C ASP B 279 2.18 -15.18 -26.99
N THR B 280 2.98 -14.25 -26.47
CA THR B 280 4.41 -14.28 -26.77
C THR B 280 5.07 -15.50 -26.14
N ILE B 281 4.78 -15.74 -24.86
CA ILE B 281 5.44 -16.85 -24.17
C ILE B 281 5.11 -18.17 -24.84
N TRP B 282 3.92 -18.29 -25.41
CA TRP B 282 3.57 -19.53 -26.09
C TRP B 282 4.37 -19.69 -27.37
N LYS B 283 4.51 -18.61 -28.14
CA LYS B 283 5.22 -18.71 -29.41
C LYS B 283 6.73 -18.91 -29.23
N ILE B 284 7.34 -18.28 -28.21
CA ILE B 284 8.80 -18.36 -28.16
C ILE B 284 9.32 -19.54 -27.33
N LEU B 285 8.44 -20.23 -26.59
CA LEU B 285 8.87 -21.45 -25.91
C LEU B 285 9.15 -22.55 -26.92
N LYS B 286 10.17 -23.37 -26.63
CA LYS B 286 10.35 -24.61 -27.37
C LYS B 286 9.20 -25.57 -27.07
N PRO B 287 8.74 -26.34 -28.04
CA PRO B 287 7.79 -27.41 -27.72
C PRO B 287 8.37 -28.28 -26.62
N GLY B 288 7.59 -28.47 -25.55
CA GLY B 288 8.07 -29.13 -24.35
C GLY B 288 8.67 -28.23 -23.29
N GLY B 289 8.85 -26.94 -23.58
CA GLY B 289 9.40 -26.03 -22.60
C GLY B 289 8.38 -25.55 -21.59
N ILE B 290 8.87 -24.93 -20.53
CA ILE B 290 8.01 -24.52 -19.44
C ILE B 290 8.05 -23.01 -19.23
N TRP B 291 6.94 -22.50 -18.73
CA TRP B 291 6.80 -21.13 -18.26
C TRP B 291 6.60 -21.23 -16.75
N ILE B 292 7.54 -20.66 -16.00
CA ILE B 292 7.43 -20.57 -14.55
C ILE B 292 7.00 -19.16 -14.23
N ASN B 293 5.98 -19.02 -13.38
CA ASN B 293 5.50 -17.70 -12.98
C ASN B 293 5.29 -17.64 -11.47
N LEU B 294 5.65 -16.49 -10.89
CA LEU B 294 5.37 -16.23 -9.49
C LEU B 294 5.05 -14.75 -9.36
N GLY B 295 3.89 -14.44 -8.82
CA GLY B 295 3.59 -13.05 -8.59
C GLY B 295 2.12 -12.74 -8.36
N PRO B 296 1.85 -11.47 -8.13
CA PRO B 296 0.48 -11.05 -7.85
C PRO B 296 -0.13 -10.43 -9.11
N LEU B 297 -1.26 -9.73 -9.00
CA LEU B 297 -1.87 -9.06 -10.16
C LEU B 297 -2.18 -7.60 -9.83
N LEU B 298 -1.12 -6.84 -9.56
CA LEU B 298 -1.21 -5.38 -9.43
C LEU B 298 -0.96 -4.76 -10.80
N TYR B 299 -2.03 -4.42 -11.52
CA TYR B 299 -1.90 -3.96 -12.89
C TYR B 299 -1.32 -2.55 -12.95
N HIS B 300 -0.15 -2.46 -13.57
CA HIS B 300 0.66 -1.25 -13.52
C HIS B 300 -0.03 -0.05 -14.20
N PHE B 301 -0.85 -0.31 -15.22
CA PHE B 301 -1.48 0.76 -15.97
C PHE B 301 -2.92 1.02 -15.56
N GLU B 302 -3.42 0.31 -14.53
CA GLU B 302 -4.83 0.38 -14.15
C GLU B 302 -5.35 1.81 -14.09
N ASN B 303 -4.62 2.70 -13.42
CA ASN B 303 -5.14 4.04 -13.19
C ASN B 303 -4.76 5.02 -14.29
N LEU B 304 -3.65 4.77 -14.98
CA LEU B 304 -3.06 5.75 -15.86
C LEU B 304 -4.00 6.12 -16.99
N ALA B 305 -4.36 7.40 -17.06
CA ALA B 305 -5.20 7.88 -18.14
C ALA B 305 -4.52 7.70 -19.48
N ASN B 306 -5.31 7.38 -20.50
CA ASN B 306 -4.86 7.19 -21.88
C ASN B 306 -3.94 5.99 -22.06
N GLU B 307 -3.98 5.04 -21.13
CA GLU B 307 -3.19 3.82 -21.23
C GLU B 307 -4.12 2.63 -21.31
N LEU B 308 -3.80 1.70 -22.21
CA LEU B 308 -4.47 0.41 -22.27
C LEU B 308 -4.12 -0.44 -21.05
N SER B 309 -5.14 -0.99 -20.39
CA SER B 309 -4.91 -1.83 -19.21
C SER B 309 -6.02 -2.87 -19.10
N ILE B 310 -5.72 -4.10 -19.43
CA ILE B 310 -6.68 -5.19 -19.30
C ILE B 310 -6.40 -5.90 -17.98
N GLU B 311 -7.28 -5.72 -17.02
CA GLU B 311 -7.11 -6.26 -15.66
C GLU B 311 -7.94 -7.54 -15.51
N LEU B 312 -7.28 -8.69 -15.49
CA LEU B 312 -7.95 -9.97 -15.34
C LEU B 312 -7.73 -10.53 -13.95
N SER B 313 -8.74 -11.27 -13.47
CA SER B 313 -8.57 -12.10 -12.28
C SER B 313 -7.64 -13.26 -12.61
N TYR B 314 -7.05 -13.85 -11.57
CA TYR B 314 -6.23 -15.03 -11.80
C TYR B 314 -7.05 -16.15 -12.44
N GLU B 315 -8.32 -16.27 -12.05
CA GLU B 315 -9.19 -17.25 -12.69
C GLU B 315 -9.19 -17.08 -14.21
N ASP B 316 -9.36 -15.84 -14.70
CA ASP B 316 -9.37 -15.59 -16.14
C ASP B 316 -7.99 -15.83 -16.77
N ILE B 317 -6.90 -15.47 -16.08
CA ILE B 317 -5.58 -15.74 -16.63
C ILE B 317 -5.39 -17.24 -16.85
N LYS B 318 -5.80 -18.06 -15.87
CA LYS B 318 -5.67 -19.50 -16.05
C LYS B 318 -6.49 -19.99 -17.24
N ASN B 319 -7.72 -19.49 -17.40
CA ASN B 319 -8.54 -19.92 -18.52
C ASN B 319 -7.89 -19.55 -19.85
N VAL B 320 -7.28 -18.35 -19.94
CA VAL B 320 -6.57 -17.97 -21.15
C VAL B 320 -5.37 -18.88 -21.38
N VAL B 321 -4.61 -19.16 -20.31
CA VAL B 321 -3.47 -20.06 -20.43
C VAL B 321 -3.94 -21.44 -20.94
N LEU B 322 -5.01 -21.97 -20.34
CA LEU B 322 -5.51 -23.29 -20.73
C LEU B 322 -5.96 -23.32 -22.19
N GLN B 323 -6.60 -22.25 -22.65
CA GLN B 323 -7.09 -22.25 -24.02
C GLN B 323 -5.97 -22.16 -25.04
N TYR B 324 -4.82 -21.59 -24.66
CA TYR B 324 -3.71 -21.55 -25.60
C TYR B 324 -3.13 -22.93 -25.87
N GLY B 325 -3.33 -23.88 -24.94
CA GLY B 325 -2.77 -25.21 -25.05
C GLY B 325 -1.79 -25.57 -23.98
N PHE B 326 -1.45 -24.67 -23.07
CA PHE B 326 -0.58 -25.04 -21.97
C PHE B 326 -1.23 -26.13 -21.14
N LYS B 327 -0.39 -26.93 -20.49
CA LYS B 327 -0.81 -27.94 -19.53
C LYS B 327 -0.15 -27.60 -18.21
N VAL B 328 -0.93 -27.65 -17.13
CA VAL B 328 -0.55 -27.07 -15.85
C VAL B 328 0.10 -28.13 -14.97
N GLU B 329 1.39 -27.97 -14.69
CA GLU B 329 2.17 -28.92 -13.90
C GLU B 329 2.20 -28.55 -12.41
N VAL B 330 2.32 -27.28 -12.08
CA VAL B 330 2.34 -26.84 -10.69
C VAL B 330 1.39 -25.66 -10.55
N GLU B 331 0.58 -25.66 -9.50
CA GLU B 331 -0.25 -24.50 -9.19
C GLU B 331 -0.36 -24.38 -7.68
N LYS B 332 0.30 -23.37 -7.14
CA LYS B 332 0.19 -22.99 -5.73
C LYS B 332 -0.32 -21.56 -5.69
N GLU B 333 -1.46 -21.37 -5.04
CA GLU B 333 -1.93 -20.04 -4.69
C GLU B 333 -1.60 -19.77 -3.23
N SER B 334 -1.68 -18.49 -2.84
CA SER B 334 -1.38 -18.06 -1.46
C SER B 334 0.08 -18.31 -1.09
N VAL B 335 0.98 -18.02 -2.03
CA VAL B 335 2.40 -17.98 -1.73
C VAL B 335 2.71 -16.60 -1.17
N LEU B 336 3.03 -16.53 0.13
CA LEU B 336 3.26 -15.22 0.77
C LEU B 336 4.63 -14.65 0.40
N SER B 337 4.66 -13.35 0.12
CA SER B 337 5.93 -12.64 0.01
C SER B 337 5.69 -11.15 0.13
N THR B 338 6.74 -10.43 0.49
CA THR B 338 6.72 -8.98 0.48
C THR B 338 7.47 -8.47 -0.73
N TYR B 339 7.56 -7.16 -0.86
CA TYR B 339 8.26 -6.57 -1.99
C TYR B 339 8.85 -5.25 -1.54
N THR B 340 10.17 -5.21 -1.36
CA THR B 340 10.88 -4.05 -0.83
C THR B 340 10.26 -3.57 0.50
N VAL B 341 9.81 -4.53 1.31
CA VAL B 341 9.33 -4.22 2.66
C VAL B 341 10.42 -3.52 3.48
N ASN B 342 9.98 -2.65 4.39
CA ASN B 342 10.82 -2.05 5.41
C ASN B 342 10.40 -2.68 6.73
N ASP B 343 11.19 -3.64 7.22
CA ASP B 343 10.68 -4.44 8.33
C ASP B 343 10.70 -3.71 9.67
N LEU B 344 11.15 -2.46 9.74
CA LEU B 344 10.96 -1.66 10.94
C LEU B 344 9.72 -0.78 10.88
N SER B 345 9.04 -0.72 9.74
CA SER B 345 7.95 0.21 9.53
C SER B 345 6.70 -0.24 10.29
N MET B 346 5.92 0.75 10.72
CA MET B 346 4.64 0.48 11.39
C MET B 346 3.52 0.17 10.40
N MET B 347 3.78 0.23 9.10
CA MET B 347 2.83 -0.20 8.08
C MET B 347 3.57 -1.08 7.07
N LYS B 348 2.97 -2.21 6.72
CA LYS B 348 3.58 -3.14 5.78
C LYS B 348 2.52 -3.71 4.86
N TYR B 349 2.93 -4.00 3.63
CA TYR B 349 2.08 -4.62 2.62
C TYR B 349 2.64 -6.00 2.29
N TYR B 350 1.77 -6.96 2.00
CA TYR B 350 2.25 -8.26 1.55
C TYR B 350 1.35 -8.80 0.46
N TYR B 351 1.89 -9.78 -0.26
CA TYR B 351 1.20 -10.39 -1.39
C TYR B 351 0.95 -11.86 -1.11
N GLU B 352 -0.23 -12.34 -1.51
CA GLU B 352 -0.49 -13.77 -1.58
C GLU B 352 -0.38 -14.15 -3.05
N CYS B 353 0.84 -14.41 -3.50
CA CYS B 353 1.10 -14.60 -4.91
C CYS B 353 0.61 -15.96 -5.39
N VAL B 354 0.49 -16.08 -6.69
CA VAL B 354 0.34 -17.39 -7.31
C VAL B 354 1.68 -17.81 -7.91
N LEU B 355 2.01 -19.08 -7.73
CA LEU B 355 3.13 -19.73 -8.40
C LEU B 355 2.55 -20.80 -9.32
N PHE B 356 2.93 -20.78 -10.58
CA PHE B 356 2.54 -21.90 -11.44
C PHE B 356 3.65 -22.23 -12.43
N VAL B 357 3.66 -23.49 -12.84
CA VAL B 357 4.54 -24.02 -13.87
C VAL B 357 3.63 -24.64 -14.91
N VAL B 358 3.59 -24.04 -16.09
CA VAL B 358 2.83 -24.57 -17.21
C VAL B 358 3.82 -24.98 -18.29
N ARG B 359 3.38 -25.88 -19.17
CA ARG B 359 4.29 -26.51 -20.13
C ARG B 359 3.66 -26.48 -21.52
N LYS B 360 4.44 -26.07 -22.51
CA LYS B 360 3.98 -26.15 -23.90
C LYS B 360 4.05 -27.60 -24.36
N PRO B 361 2.95 -28.19 -24.82
CA PRO B 361 3.00 -29.56 -25.35
C PRO B 361 4.01 -29.69 -26.48
N GLN B 362 4.75 -30.79 -26.45
CA GLN B 362 5.72 -31.11 -27.49
C GLN B 362 5.04 -31.47 -28.81
N SAH C . -12.14 4.97 15.57
CA SAH C . -12.48 4.48 14.23
CB SAH C . -12.31 5.59 13.18
CG SAH C . -10.89 6.15 12.97
SD SAH C . -10.60 6.81 11.31
C SAH C . -11.66 3.26 13.80
O SAH C . -10.45 3.15 14.02
OXT SAH C . -12.20 2.32 13.19
C5' SAH C . -10.16 8.43 11.97
C4' SAH C . -11.33 9.42 11.94
O4' SAH C . -10.99 10.59 12.66
C3' SAH C . -11.72 9.87 10.54
O3' SAH C . -13.04 9.47 10.26
C2' SAH C . -11.61 11.39 10.57
O2' SAH C . -12.67 12.02 9.89
C1' SAH C . -11.65 11.68 12.06
N9 SAH C . -11.07 12.97 12.50
C8 SAH C . -9.93 13.60 12.06
N7 SAH C . -9.78 14.76 12.75
C5 SAH C . -10.81 14.88 13.62
C6 SAH C . -11.16 15.86 14.56
N6 SAH C . -10.40 16.95 14.73
N1 SAH C . -12.31 15.70 15.32
C2 SAH C . -13.10 14.58 15.15
N3 SAH C . -12.76 13.61 14.22
C4 SAH C . -11.63 13.77 13.47
C11 8V3 D . -5.73 3.72 8.13
C12 8V3 D . -5.46 4.82 9.15
C13 8V3 D . -4.19 5.09 9.67
C15 8V3 D . -5.60 6.39 10.61
C02 8V3 D . -6.33 5.35 6.21
C04 8V3 D . -6.49 3.96 6.83
C06 8V3 D . -6.75 2.53 4.75
C08 8V3 D . -6.18 1.39 3.89
C09 8V3 D . -5.44 0.37 4.75
C17 8V3 D . -7.73 5.72 9.59
N05 8V3 D . -6.02 2.91 5.95
N10 8V3 D . -5.45 -0.89 4.04
N14 8V3 D . -4.33 6.06 10.54
N16 8V3 D . -6.30 5.64 9.77
O01 8V3 D . -7.32 6.14 6.11
O03 8V3 D . -5.22 5.73 5.77
O07 8V3 D . -7.78 3.06 4.44
CA CA E . 14.42 13.40 16.90
O1 P6G F . -2.36 -10.01 9.36
C2 P6G F . -0.93 -9.78 9.26
C3 P6G F . -0.17 -11.06 8.89
O4 P6G F . 1.24 -10.84 8.95
C5 P6G F . 1.96 -11.97 9.44
C6 P6G F . 2.82 -11.54 10.64
O7 P6G F . 4.13 -11.13 10.23
C8 P6G F . 4.91 -10.70 11.35
C9 P6G F . 6.23 -10.05 10.94
O10 P6G F . 6.67 -9.29 12.06
C11 P6G F . 8.07 -8.98 12.07
C12 P6G F . 8.41 -8.42 13.45
O13 P6G F . 9.06 -7.16 13.33
C14 P6G F . 9.07 -6.46 14.58
C15 P6G F . 9.90 -5.18 14.45
O16 P6G F . 10.48 -4.87 15.72
C17 P6G F . 11.61 -4.00 15.61
C18 P6G F . 12.68 -4.43 16.61
O19 P6G F . 13.88 -3.69 16.37
N SAH G . 12.45 -9.98 -11.31
CA SAH G . 12.49 -8.81 -10.43
CB SAH G . 11.89 -7.55 -11.10
CG SAH G . 10.37 -7.39 -11.24
SD SAH G . 9.83 -5.67 -11.48
C SAH G . 11.76 -9.06 -9.12
O SAH G . 12.19 -8.60 -8.06
OXT SAH G . 10.72 -9.72 -9.07
C5' SAH G . 9.09 -5.96 -13.12
C4' SAH G . 9.92 -5.31 -14.23
O4' SAH G . 9.39 -5.52 -15.53
C3' SAH G . 10.02 -3.81 -14.03
O3' SAH G . 11.38 -3.55 -13.74
C2' SAH G . 9.53 -3.21 -15.35
O2' SAH G . 10.23 -2.05 -15.76
C1' SAH G . 9.71 -4.37 -16.33
N9 SAH G . 8.94 -4.29 -17.59
C8 SAH G . 7.75 -3.64 -17.83
N7 SAH G . 7.41 -3.82 -19.14
C5 SAH G . 8.35 -4.58 -19.74
C6 SAH G . 8.49 -5.08 -21.05
N6 SAH G . 7.56 -4.79 -21.98
N1 SAH G . 9.58 -5.85 -21.40
C2 SAH G . 10.54 -6.13 -20.44
N3 SAH G . 10.40 -5.65 -19.14
C4 SAH G . 9.32 -4.88 -18.79
C11 8V3 H . 5.06 -5.04 -6.70
C12 8V3 H . 4.68 -5.59 -8.07
C13 8V3 H . 3.47 -6.19 -8.37
C15 8V3 H . 4.71 -6.23 -10.13
C02 8V3 H . 5.01 -2.49 -7.37
C04 8V3 H . 5.48 -3.60 -6.40
C06 8V3 H . 5.78 -2.37 -4.25
C08 8V3 H . 5.41 -2.09 -2.79
C09 8V3 H . 4.99 -3.34 -2.02
C17 8V3 H . 6.77 -5.15 -9.33
N05 8V3 H . 5.06 -3.37 -5.03
N10 8V3 H . 3.99 -3.01 -1.01
N14 8V3 H . 3.53 -6.55 -9.63
N16 8V3 H . 5.43 -5.65 -9.18
O01 8V3 H . 5.51 -2.35 -8.52
O03 8V3 H . 4.13 -1.66 -7.01
O07 8V3 H . 6.67 -1.78 -4.77
CA CA I . 19.90 22.83 10.07
#